data_4UUP
#
_entry.id   4UUP
#
_cell.length_a   75.460
_cell.length_b   58.850
_cell.length_c   81.570
_cell.angle_alpha   90.00
_cell.angle_beta   111.23
_cell.angle_gamma   90.00
#
_symmetry.space_group_name_H-M   'P 1 21 1'
#
loop_
_entity.id
_entity.type
_entity.pdbx_description
1 polymer 'MALATE DEHYDROGENASE'
2 non-polymer '1,4-DIHYDRONICOTINAMIDE ADENINE DINUCLEOTIDE'
3 non-polymer 'PHOSPHATE ION'
4 non-polymer 'SULFATE ION'
5 water water
#
_entity_poly.entity_id   1
_entity_poly.type   'polypeptide(L)'
_entity_poly.pdbx_seq_one_letter_code
;MSEPIHVLITGAAGQIGYALAFRIAKGDLFGDRKVVLHLLEIPPAMKALEGVCMELQDCAFPTLAGVVATDDPEEAFKDV
DVAFLVGSFPRKPGMERADLLEKNAGIFKVQGKALSEYAKPTVKVLVVGNPANTNCLIAMANAPKLGPENFSAMTRLDHN
RAIGEIAAKLGVPVDKVHNVVVWGNHSNTQVPDVSHATVDKEGGTKKVSDALPKEYLEGEFVQKIAQRGGAVIEARGASS
AASAANAAL(OCS)HMRDWLFGTKPGDWVSMGIPVPEGNPYGIKPGVIYSFPCTVDKDGKVHIVEGLEINDWVREKMEAT
EKELIEERETAFKVLAQLEHHHHHH
;
_entity_poly.pdbx_strand_id   A,B
#
# COMPACT_ATOMS: atom_id res chain seq x y z
N GLU A 3 -14.11 -5.29 -20.99
CA GLU A 3 -12.79 -4.91 -21.48
C GLU A 3 -12.02 -4.16 -20.40
N PRO A 4 -10.72 -4.44 -20.26
CA PRO A 4 -9.95 -3.83 -19.16
C PRO A 4 -9.75 -2.33 -19.30
N ILE A 5 -9.67 -1.64 -18.17
N ILE A 5 -9.66 -1.63 -18.19
CA ILE A 5 -9.39 -0.21 -18.13
CA ILE A 5 -9.43 -0.20 -18.21
C ILE A 5 -7.89 0.01 -18.19
C ILE A 5 -7.93 0.09 -18.10
N HIS A 6 -7.46 1.01 -18.93
CA HIS A 6 -6.04 1.36 -19.00
C HIS A 6 -5.75 2.55 -18.10
N VAL A 7 -4.93 2.31 -17.09
CA VAL A 7 -4.63 3.28 -16.05
C VAL A 7 -3.14 3.60 -16.04
N LEU A 8 -2.83 4.88 -16.23
CA LEU A 8 -1.46 5.35 -16.21
C LEU A 8 -1.08 5.90 -14.84
N ILE A 9 0.08 5.49 -14.35
CA ILE A 9 0.71 6.11 -13.19
C ILE A 9 2.09 6.53 -13.62
N THR A 10 2.36 7.84 -13.59
CA THR A 10 3.69 8.34 -13.87
C THR A 10 4.49 8.35 -12.57
N GLY A 11 5.81 8.37 -12.67
CA GLY A 11 6.67 8.27 -11.51
C GLY A 11 6.45 6.98 -10.73
N ALA A 12 6.16 5.91 -11.46
CA ALA A 12 5.70 4.66 -10.85
C ALA A 12 6.71 3.92 -9.97
N ALA A 13 7.99 4.26 -10.06
CA ALA A 13 8.99 3.63 -9.20
C ALA A 13 9.16 4.37 -7.87
N GLY A 14 8.62 5.59 -7.81
CA GLY A 14 8.77 6.44 -6.64
C GLY A 14 7.80 6.09 -5.54
N GLN A 15 7.80 6.88 -4.47
CA GLN A 15 7.11 6.51 -3.24
C GLN A 15 5.59 6.44 -3.38
N ILE A 16 4.99 7.48 -3.94
CA ILE A 16 3.55 7.51 -4.11
C ILE A 16 3.13 6.57 -5.23
N GLY A 17 3.89 6.56 -6.32
CA GLY A 17 3.58 5.70 -7.45
C GLY A 17 3.56 4.23 -7.06
N TYR A 18 4.54 3.83 -6.26
CA TYR A 18 4.64 2.48 -5.75
C TYR A 18 3.45 2.12 -4.88
N ALA A 19 3.06 3.03 -3.99
CA ALA A 19 1.91 2.81 -3.12
C ALA A 19 0.65 2.66 -3.95
N LEU A 20 0.50 3.52 -4.95
CA LEU A 20 -0.72 3.56 -5.73
C LEU A 20 -0.87 2.32 -6.63
N ALA A 21 0.25 1.82 -7.13
CA ALA A 21 0.23 0.74 -8.12
C ALA A 21 -0.43 -0.53 -7.60
N PHE A 22 -0.04 -0.96 -6.41
CA PHE A 22 -0.58 -2.22 -5.88
C PHE A 22 -2.04 -2.11 -5.52
N ARG A 23 -2.45 -0.95 -5.03
CA ARG A 23 -3.85 -0.79 -4.68
C ARG A 23 -4.74 -0.83 -5.92
N ILE A 24 -4.30 -0.18 -6.99
CA ILE A 24 -5.07 -0.20 -8.22
C ILE A 24 -5.05 -1.61 -8.80
N ALA A 25 -3.88 -2.24 -8.81
CA ALA A 25 -3.73 -3.57 -9.39
C ALA A 25 -4.61 -4.61 -8.71
N LYS A 26 -4.87 -4.42 -7.42
CA LYS A 26 -5.59 -5.45 -6.67
C LYS A 26 -7.10 -5.24 -6.67
N GLY A 27 -7.56 -4.11 -7.21
CA GLY A 27 -8.98 -3.88 -7.43
C GLY A 27 -9.59 -2.75 -6.62
N ASP A 28 -8.78 -1.99 -5.88
CA ASP A 28 -9.30 -0.94 -5.00
C ASP A 28 -9.96 0.23 -5.73
N LEU A 29 -9.66 0.40 -7.03
CA LEU A 29 -10.22 1.53 -7.77
C LEU A 29 -11.43 1.14 -8.63
N PHE A 30 -11.29 0.06 -9.39
CA PHE A 30 -12.33 -0.35 -10.34
C PHE A 30 -13.06 -1.64 -9.96
N GLY A 31 -12.87 -2.09 -8.72
CA GLY A 31 -13.54 -3.29 -8.23
C GLY A 31 -13.15 -4.55 -8.98
N ASP A 32 -14.14 -5.28 -9.47
CA ASP A 32 -13.88 -6.55 -10.16
C ASP A 32 -13.45 -6.36 -11.61
N ARG A 33 -13.48 -5.12 -12.09
CA ARG A 33 -13.10 -4.84 -13.47
C ARG A 33 -11.59 -4.94 -13.67
N LYS A 34 -11.19 -5.63 -14.73
CA LYS A 34 -9.77 -5.83 -15.05
C LYS A 34 -9.09 -4.50 -15.38
N VAL A 35 -7.82 -4.39 -15.00
N VAL A 35 -7.81 -4.39 -15.01
CA VAL A 35 -7.04 -3.19 -15.25
CA VAL A 35 -7.02 -3.20 -15.24
C VAL A 35 -5.71 -3.52 -15.92
C VAL A 35 -5.71 -3.53 -15.94
N VAL A 36 -5.33 -2.69 -16.89
CA VAL A 36 -4.00 -2.75 -17.48
C VAL A 36 -3.29 -1.51 -16.97
N LEU A 37 -2.20 -1.71 -16.23
CA LEU A 37 -1.42 -0.60 -15.70
C LEU A 37 -0.36 -0.11 -16.69
N HIS A 38 -0.38 1.18 -16.98
CA HIS A 38 0.70 1.82 -17.70
C HIS A 38 1.56 2.54 -16.67
N LEU A 39 2.86 2.21 -16.65
CA LEU A 39 3.78 2.78 -15.67
C LEU A 39 4.92 3.52 -16.38
N LEU A 40 5.00 4.83 -16.15
CA LEU A 40 5.98 5.67 -16.82
C LEU A 40 7.05 6.15 -15.83
N GLU A 41 8.31 5.96 -16.20
CA GLU A 41 9.42 6.51 -15.42
C GLU A 41 10.43 7.21 -16.34
N ILE A 42 11.40 7.87 -15.74
CA ILE A 42 12.54 8.39 -16.48
C ILE A 42 13.58 7.27 -16.57
N PRO A 43 14.46 7.34 -17.57
CA PRO A 43 15.40 6.24 -17.83
C PRO A 43 16.18 5.74 -16.59
N PRO A 44 16.67 6.66 -15.73
CA PRO A 44 17.44 6.21 -14.56
C PRO A 44 16.66 5.33 -13.57
N ALA A 45 15.33 5.37 -13.63
CA ALA A 45 14.50 4.66 -12.66
C ALA A 45 13.86 3.43 -13.27
N MET A 46 14.23 3.08 -14.49
CA MET A 46 13.62 1.95 -15.18
C MET A 46 14.03 0.63 -14.53
N LYS A 47 15.27 0.58 -14.07
CA LYS A 47 15.78 -0.61 -13.39
C LYS A 47 14.88 -0.92 -12.20
N ALA A 48 14.65 0.08 -11.37
CA ALA A 48 13.76 -0.06 -10.23
C ALA A 48 12.33 -0.39 -10.68
N LEU A 49 11.85 0.26 -11.73
CA LEU A 49 10.49 0.03 -12.19
C LEU A 49 10.26 -1.43 -12.61
N GLU A 50 11.27 -2.04 -13.22
N GLU A 50 11.27 -2.06 -13.20
CA GLU A 50 11.19 -3.46 -13.57
CA GLU A 50 11.11 -3.46 -13.58
C GLU A 50 10.99 -4.29 -12.31
C GLU A 50 10.99 -4.30 -12.30
N GLY A 51 11.65 -3.88 -11.24
CA GLY A 51 11.52 -4.53 -9.94
C GLY A 51 10.11 -4.40 -9.40
N VAL A 52 9.50 -3.24 -9.58
CA VAL A 52 8.11 -3.02 -9.18
C VAL A 52 7.21 -3.95 -9.97
N CYS A 53 7.50 -4.10 -11.25
CA CYS A 53 6.71 -4.98 -12.12
C CYS A 53 6.82 -6.44 -11.68
N MET A 54 8.00 -6.85 -11.23
CA MET A 54 8.19 -8.18 -10.67
C MET A 54 7.29 -8.35 -9.45
N GLU A 55 7.33 -7.37 -8.55
CA GLU A 55 6.49 -7.44 -7.36
C GLU A 55 5.00 -7.52 -7.72
N LEU A 56 4.58 -6.78 -8.74
CA LEU A 56 3.19 -6.85 -9.15
C LEU A 56 2.82 -8.29 -9.57
N GLN A 57 3.66 -8.93 -10.38
CA GLN A 57 3.41 -10.32 -10.75
C GLN A 57 3.37 -11.19 -9.50
N ASP A 58 4.24 -10.90 -8.54
CA ASP A 58 4.37 -11.74 -7.35
C ASP A 58 3.21 -11.58 -6.36
N CYS A 59 2.29 -10.67 -6.66
CA CYS A 59 1.08 -10.50 -5.86
C CYS A 59 -0.05 -11.41 -6.33
N ALA A 60 0.02 -11.86 -7.58
CA ALA A 60 -0.98 -12.73 -8.17
C ALA A 60 -2.40 -12.18 -7.99
N PHE A 61 -2.59 -10.91 -8.34
CA PHE A 61 -3.92 -10.29 -8.30
C PHE A 61 -4.69 -10.63 -9.58
N PRO A 62 -5.88 -11.28 -9.45
CA PRO A 62 -6.66 -11.57 -10.65
C PRO A 62 -7.09 -10.32 -11.44
N THR A 63 -7.23 -9.20 -10.77
CA THR A 63 -7.72 -7.99 -11.45
C THR A 63 -6.68 -7.35 -12.37
N LEU A 64 -5.42 -7.73 -12.25
CA LEU A 64 -4.37 -7.14 -13.09
C LEU A 64 -4.24 -7.92 -14.41
N ALA A 65 -4.68 -7.30 -15.49
CA ALA A 65 -4.72 -7.94 -16.80
C ALA A 65 -3.44 -7.74 -17.58
N GLY A 66 -2.66 -6.73 -17.20
CA GLY A 66 -1.44 -6.43 -17.92
C GLY A 66 -0.67 -5.27 -17.31
N VAL A 67 0.61 -5.19 -17.64
CA VAL A 67 1.46 -4.07 -17.21
C VAL A 67 2.33 -3.64 -18.37
N VAL A 68 2.28 -2.34 -18.66
CA VAL A 68 3.16 -1.71 -19.64
C VAL A 68 4.09 -0.74 -18.90
N ALA A 69 5.36 -1.12 -18.80
CA ALA A 69 6.35 -0.32 -18.09
C ALA A 69 7.32 0.27 -19.10
N THR A 70 7.48 1.60 -19.07
CA THR A 70 8.23 2.27 -20.12
C THR A 70 8.73 3.65 -19.70
N ASP A 71 9.66 4.17 -20.50
CA ASP A 71 10.15 5.54 -20.35
C ASP A 71 9.76 6.37 -21.57
N ASP A 72 8.93 5.80 -22.44
CA ASP A 72 8.46 6.50 -23.64
C ASP A 72 7.04 7.00 -23.42
N PRO A 73 6.86 8.32 -23.39
CA PRO A 73 5.51 8.84 -23.18
C PRO A 73 4.49 8.39 -24.22
N GLU A 74 4.91 8.19 -25.46
CA GLU A 74 3.95 7.74 -26.47
C GLU A 74 3.38 6.39 -26.09
N GLU A 75 4.24 5.47 -25.67
CA GLU A 75 3.79 4.16 -25.23
C GLU A 75 2.96 4.28 -23.95
N ALA A 76 3.42 5.10 -23.01
CA ALA A 76 2.79 5.18 -21.70
C ALA A 76 1.38 5.78 -21.74
N PHE A 77 1.19 6.79 -22.59
CA PHE A 77 -0.07 7.52 -22.62
C PHE A 77 -1.10 6.93 -23.58
N LYS A 78 -0.67 5.99 -24.42
CA LYS A 78 -1.51 5.44 -25.48
C LYS A 78 -2.83 4.85 -24.99
N ASP A 79 -3.93 5.47 -25.43
CA ASP A 79 -5.28 4.97 -25.19
C ASP A 79 -5.61 4.83 -23.70
N VAL A 80 -4.96 5.63 -22.86
CA VAL A 80 -5.22 5.61 -21.42
C VAL A 80 -6.58 6.24 -21.08
N ASP A 81 -7.25 5.66 -20.09
CA ASP A 81 -8.57 6.12 -19.64
C ASP A 81 -8.44 7.00 -18.40
N VAL A 82 -7.43 6.70 -17.59
CA VAL A 82 -7.24 7.34 -16.29
C VAL A 82 -5.75 7.59 -16.13
N ALA A 83 -5.39 8.80 -15.70
CA ALA A 83 -3.99 9.13 -15.52
C ALA A 83 -3.75 9.80 -14.18
N PHE A 84 -2.80 9.24 -13.44
CA PHE A 84 -2.32 9.84 -12.19
C PHE A 84 -0.94 10.42 -12.50
N LEU A 85 -0.86 11.74 -12.61
CA LEU A 85 0.41 12.40 -12.90
C LEU A 85 1.14 12.66 -11.58
N VAL A 86 1.90 11.65 -11.16
CA VAL A 86 2.63 11.68 -9.91
C VAL A 86 4.09 12.06 -10.13
N GLY A 87 4.65 11.57 -11.24
CA GLY A 87 6.03 11.80 -11.60
C GLY A 87 6.42 13.26 -11.53
N SER A 88 7.45 13.55 -10.74
CA SER A 88 7.79 14.91 -10.32
C SER A 88 8.75 14.81 -9.14
N PHE A 89 9.55 15.86 -8.95
CA PHE A 89 10.41 15.94 -7.78
C PHE A 89 9.61 16.36 -6.54
N PRO A 90 9.83 15.66 -5.41
CA PRO A 90 9.20 16.08 -4.15
C PRO A 90 10.02 17.13 -3.43
N ARG A 91 9.43 17.84 -2.47
CA ARG A 91 10.18 18.81 -1.69
C ARG A 91 10.87 18.08 -0.54
N LYS A 92 12.03 18.59 -0.15
CA LYS A 92 12.85 17.92 0.86
C LYS A 92 14.04 18.80 1.27
N PRO A 93 14.34 18.88 2.58
CA PRO A 93 13.55 18.37 3.71
C PRO A 93 12.42 19.33 4.09
N GLY A 94 12.53 20.58 3.65
CA GLY A 94 11.54 21.59 3.97
C GLY A 94 11.64 22.81 3.06
N MET A 95 10.76 22.88 2.07
CA MET A 95 10.76 23.97 1.10
C MET A 95 9.32 24.35 0.76
N GLU A 96 9.16 25.21 -0.24
CA GLU A 96 7.84 25.53 -0.78
C GLU A 96 7.56 24.66 -1.99
N ARG A 97 6.28 24.38 -2.23
CA ARG A 97 5.87 23.61 -3.40
C ARG A 97 6.11 24.42 -4.68
N ALA A 98 6.22 25.74 -4.53
CA ALA A 98 6.47 26.62 -5.67
C ALA A 98 7.94 26.58 -6.10
N ASP A 99 8.80 26.10 -5.20
CA ASP A 99 10.22 25.95 -5.53
C ASP A 99 10.42 24.75 -6.47
N LEU A 100 9.50 23.80 -6.39
CA LEU A 100 9.49 22.66 -7.29
C LEU A 100 9.01 23.06 -8.67
N LEU A 101 8.44 24.25 -8.78
CA LEU A 101 7.89 24.73 -10.04
C LEU A 101 8.93 24.67 -11.15
N GLU A 102 10.15 25.12 -10.85
CA GLU A 102 11.21 25.13 -11.85
C GLU A 102 11.56 23.73 -12.32
N LYS A 103 11.61 22.78 -11.39
CA LYS A 103 12.01 21.42 -11.72
C LYS A 103 10.88 20.64 -12.38
N ASN A 104 9.64 21.00 -12.06
CA ASN A 104 8.49 20.19 -12.46
C ASN A 104 7.62 20.76 -13.57
N ALA A 105 7.64 22.08 -13.76
CA ALA A 105 6.78 22.71 -14.75
C ALA A 105 6.91 22.07 -16.14
N GLY A 106 8.13 21.89 -16.62
CA GLY A 106 8.37 21.34 -17.94
C GLY A 106 7.79 19.95 -18.15
N ILE A 107 7.75 19.15 -17.09
CA ILE A 107 7.15 17.82 -17.14
C ILE A 107 5.70 17.88 -17.60
N PHE A 108 4.95 18.83 -17.05
CA PHE A 108 3.52 18.87 -17.31
C PHE A 108 3.19 19.50 -18.66
N LYS A 109 4.12 20.29 -19.18
CA LYS A 109 4.00 20.81 -20.53
C LYS A 109 4.09 19.65 -21.53
N VAL A 110 5.07 18.76 -21.34
N VAL A 110 5.08 18.79 -21.33
CA VAL A 110 5.23 17.64 -22.26
CA VAL A 110 5.28 17.62 -22.17
C VAL A 110 4.17 16.57 -22.03
C VAL A 110 4.13 16.62 -22.03
N GLN A 111 3.73 16.38 -20.78
CA GLN A 111 2.71 15.38 -20.50
C GLN A 111 1.32 15.84 -20.94
N GLY A 112 1.05 17.14 -20.84
CA GLY A 112 -0.17 17.71 -21.39
C GLY A 112 -0.29 17.43 -22.88
N LYS A 113 0.82 17.60 -23.61
CA LYS A 113 0.83 17.36 -25.05
C LYS A 113 0.67 15.88 -25.35
N ALA A 114 1.31 15.04 -24.53
CA ALA A 114 1.24 13.60 -24.72
C ALA A 114 -0.18 13.10 -24.47
N LEU A 115 -0.83 13.61 -23.43
CA LEU A 115 -2.21 13.26 -23.15
C LEU A 115 -3.11 13.59 -24.34
N SER A 116 -2.96 14.79 -24.87
CA SER A 116 -3.79 15.26 -25.96
C SER A 116 -3.63 14.38 -27.19
N GLU A 117 -2.40 14.01 -27.47
CA GLU A 117 -2.09 13.30 -28.70
C GLU A 117 -2.31 11.78 -28.63
N TYR A 118 -2.11 11.20 -27.44
CA TYR A 118 -2.03 9.74 -27.32
C TYR A 118 -3.12 9.12 -26.46
N ALA A 119 -3.58 9.81 -25.41
CA ALA A 119 -4.59 9.25 -24.52
C ALA A 119 -5.97 9.34 -25.16
N LYS A 120 -6.93 8.63 -24.59
CA LYS A 120 -8.30 8.74 -25.05
C LYS A 120 -8.77 10.17 -24.77
N PRO A 121 -9.59 10.74 -25.67
CA PRO A 121 -10.06 12.11 -25.45
C PRO A 121 -10.92 12.24 -24.18
N THR A 122 -11.36 11.11 -23.64
CA THR A 122 -12.17 11.08 -22.43
C THR A 122 -11.33 10.87 -21.17
N VAL A 123 -10.00 10.90 -21.31
CA VAL A 123 -9.10 10.62 -20.20
C VAL A 123 -9.35 11.53 -18.98
N LYS A 124 -9.39 10.91 -17.80
CA LYS A 124 -9.49 11.64 -16.54
C LYS A 124 -8.10 11.74 -15.92
N VAL A 125 -7.62 12.97 -15.78
CA VAL A 125 -6.26 13.25 -15.37
C VAL A 125 -6.22 13.90 -13.98
N LEU A 126 -5.65 13.21 -13.00
CA LEU A 126 -5.41 13.77 -11.67
C LEU A 126 -3.96 14.14 -11.51
N VAL A 127 -3.68 15.41 -11.28
CA VAL A 127 -2.32 15.88 -11.03
C VAL A 127 -2.01 15.85 -9.54
N VAL A 128 -1.03 15.04 -9.20
CA VAL A 128 -0.56 14.89 -7.82
C VAL A 128 0.74 15.64 -7.64
N GLY A 129 1.65 15.51 -8.60
CA GLY A 129 2.96 16.14 -8.52
C GLY A 129 2.90 17.64 -8.26
N ASN A 130 3.80 18.14 -7.42
CA ASN A 130 3.71 19.53 -6.96
C ASN A 130 4.51 20.53 -7.79
N PRO A 131 4.06 21.80 -7.84
CA PRO A 131 2.82 22.32 -7.23
C PRO A 131 1.61 21.88 -8.03
N ALA A 132 0.71 21.13 -7.39
CA ALA A 132 -0.35 20.42 -8.12
C ALA A 132 -1.29 21.32 -8.93
N ASN A 133 -1.82 22.38 -8.33
CA ASN A 133 -2.75 23.25 -9.03
C ASN A 133 -2.14 23.88 -10.27
N THR A 134 -0.92 24.35 -10.14
CA THR A 134 -0.25 25.03 -11.24
C THR A 134 0.24 24.02 -12.29
N ASN A 135 0.72 22.87 -11.85
CA ASN A 135 1.09 21.82 -12.79
C ASN A 135 -0.11 21.36 -13.62
N CYS A 136 -1.27 21.33 -12.99
CA CYS A 136 -2.49 20.93 -13.68
C CYS A 136 -2.87 21.96 -14.73
N LEU A 137 -2.72 23.23 -14.38
CA LEU A 137 -2.97 24.31 -15.31
C LEU A 137 -2.05 24.20 -16.54
N ILE A 138 -0.77 23.98 -16.30
CA ILE A 138 0.21 23.84 -17.36
C ILE A 138 -0.15 22.68 -18.30
N ALA A 139 -0.49 21.54 -17.72
CA ALA A 139 -0.83 20.38 -18.53
C ALA A 139 -2.03 20.66 -19.42
N MET A 140 -3.07 21.25 -18.84
CA MET A 140 -4.29 21.56 -19.57
C MET A 140 -4.02 22.56 -20.70
N ALA A 141 -3.13 23.51 -20.45
CA ALA A 141 -2.83 24.57 -21.40
C ALA A 141 -2.15 23.99 -22.62
N ASN A 142 -1.53 22.83 -22.45
CA ASN A 142 -0.77 22.19 -23.51
C ASN A 142 -1.47 20.97 -24.10
N ALA A 143 -2.78 20.88 -23.86
CA ALA A 143 -3.58 19.75 -24.32
C ALA A 143 -4.74 20.25 -25.18
N PRO A 144 -4.45 20.68 -26.42
CA PRO A 144 -5.44 21.37 -27.26
C PRO A 144 -6.66 20.52 -27.62
N LYS A 145 -6.51 19.21 -27.54
CA LYS A 145 -7.60 18.31 -27.91
C LYS A 145 -8.56 18.11 -26.73
N LEU A 146 -8.04 18.31 -25.53
CA LEU A 146 -8.80 18.03 -24.31
C LEU A 146 -9.47 19.29 -23.79
N GLY A 147 -10.10 19.17 -22.63
CA GLY A 147 -10.88 20.27 -22.07
C GLY A 147 -10.84 20.27 -20.57
N PRO A 148 -11.46 21.28 -19.95
CA PRO A 148 -11.43 21.40 -18.49
C PRO A 148 -11.95 20.14 -17.79
N GLU A 149 -12.88 19.44 -18.44
CA GLU A 149 -13.49 18.26 -17.85
C GLU A 149 -12.50 17.11 -17.65
N ASN A 150 -11.38 17.17 -18.37
CA ASN A 150 -10.38 16.10 -18.31
C ASN A 150 -9.38 16.26 -17.17
N PHE A 151 -9.40 17.39 -16.48
CA PHE A 151 -8.33 17.75 -15.55
C PHE A 151 -8.78 18.08 -14.14
N SER A 152 -7.99 17.63 -13.17
CA SER A 152 -8.11 18.10 -11.79
C SER A 152 -6.77 17.99 -11.08
N ALA A 153 -6.67 18.68 -9.94
CA ALA A 153 -5.48 18.66 -9.10
C ALA A 153 -5.86 18.21 -7.69
N MET A 154 -4.97 17.47 -7.04
CA MET A 154 -5.32 16.83 -5.78
C MET A 154 -5.20 17.71 -4.55
N THR A 155 -6.35 18.04 -3.97
CA THR A 155 -6.43 18.58 -2.62
C THR A 155 -7.09 17.58 -1.68
N ARG A 156 -7.35 16.38 -2.18
CA ARG A 156 -8.03 15.36 -1.38
C ARG A 156 -7.24 14.92 -0.16
N LEU A 157 -5.91 15.02 -0.21
CA LEU A 157 -5.14 14.70 0.98
C LEU A 157 -5.30 15.80 2.03
N ASP A 158 -5.37 17.06 1.61
CA ASP A 158 -5.66 18.17 2.54
C ASP A 158 -7.02 17.93 3.18
N HIS A 159 -7.96 17.52 2.34
CA HIS A 159 -9.32 17.25 2.75
C HIS A 159 -9.40 16.10 3.77
N ASN A 160 -8.75 14.98 3.45
CA ASN A 160 -8.72 13.83 4.34
C ASN A 160 -8.00 14.14 5.66
N ARG A 161 -6.95 14.95 5.58
CA ARG A 161 -6.27 15.41 6.79
C ARG A 161 -7.22 16.22 7.66
N ALA A 162 -7.96 17.12 7.03
CA ALA A 162 -8.92 17.96 7.74
C ALA A 162 -9.97 17.11 8.44
N ILE A 163 -10.47 16.07 7.78
N ILE A 163 -10.47 16.08 7.75
CA ILE A 163 -11.46 15.20 8.38
CA ILE A 163 -11.44 15.15 8.32
C ILE A 163 -10.87 14.44 9.57
C ILE A 163 -10.87 14.46 9.55
N GLY A 164 -9.71 13.84 9.36
CA GLY A 164 -9.04 13.09 10.41
C GLY A 164 -8.77 13.94 11.64
N GLU A 165 -8.35 15.17 11.42
CA GLU A 165 -7.95 16.03 12.52
C GLU A 165 -9.17 16.58 13.25
N ILE A 166 -10.19 17.00 12.51
CA ILE A 166 -11.38 17.55 13.16
C ILE A 166 -12.14 16.44 13.87
N ALA A 167 -12.11 15.23 13.32
CA ALA A 167 -12.72 14.09 13.99
C ALA A 167 -12.03 13.84 15.33
N ALA A 168 -10.71 13.81 15.32
CA ALA A 168 -9.94 13.60 16.55
C ALA A 168 -10.22 14.70 17.57
N LYS A 169 -10.28 15.95 17.11
CA LYS A 169 -10.52 17.08 17.99
C LYS A 169 -11.92 17.02 18.60
N LEU A 170 -12.90 16.68 17.77
CA LEU A 170 -14.28 16.54 18.20
C LEU A 170 -14.46 15.31 19.07
N GLY A 171 -13.56 14.34 18.89
CA GLY A 171 -13.64 13.09 19.63
C GLY A 171 -14.72 12.16 19.10
N VAL A 172 -14.84 12.10 17.78
CA VAL A 172 -15.80 11.22 17.11
C VAL A 172 -15.12 10.40 16.02
N PRO A 173 -15.74 9.27 15.63
CA PRO A 173 -15.20 8.50 14.50
C PRO A 173 -15.23 9.31 13.22
N VAL A 174 -14.30 9.02 12.31
CA VAL A 174 -14.14 9.86 11.13
C VAL A 174 -15.35 9.85 10.21
N ASP A 175 -16.11 8.76 10.21
CA ASP A 175 -17.27 8.67 9.33
C ASP A 175 -18.47 9.41 9.90
N LYS A 176 -18.28 10.08 11.03
CA LYS A 176 -19.35 10.86 11.66
C LYS A 176 -19.21 12.34 11.36
N VAL A 177 -18.20 12.71 10.57
CA VAL A 177 -17.99 14.10 10.17
C VAL A 177 -18.39 14.27 8.72
N HIS A 178 -19.05 15.38 8.40
CA HIS A 178 -19.58 15.61 7.06
C HIS A 178 -19.40 17.05 6.61
N ASN A 179 -19.30 17.22 5.28
CA ASN A 179 -19.29 18.54 4.63
C ASN A 179 -18.09 19.41 5.02
N VAL A 180 -16.92 18.81 5.05
CA VAL A 180 -15.67 19.55 5.19
C VAL A 180 -15.28 20.09 3.81
N VAL A 181 -14.59 21.22 3.78
CA VAL A 181 -14.11 21.84 2.55
C VAL A 181 -12.68 22.31 2.70
N VAL A 182 -11.87 22.10 1.67
CA VAL A 182 -10.58 22.76 1.55
C VAL A 182 -10.61 23.56 0.26
N TRP A 183 -10.57 24.89 0.36
CA TRP A 183 -10.62 25.76 -0.81
C TRP A 183 -9.23 26.11 -1.32
N GLY A 184 -9.11 26.31 -2.62
CA GLY A 184 -7.99 27.03 -3.20
C GLY A 184 -6.81 26.21 -3.64
N ASN A 185 -5.63 26.63 -3.20
CA ASN A 185 -4.36 26.06 -3.64
C ASN A 185 -3.92 24.95 -2.70
N HIS A 186 -3.35 23.89 -3.27
CA HIS A 186 -2.67 22.90 -2.44
C HIS A 186 -1.34 23.50 -1.98
N SER A 187 -1.38 24.32 -0.94
CA SER A 187 -0.21 25.04 -0.47
C SER A 187 -0.50 25.59 0.93
N ASN A 188 0.37 26.47 1.40
CA ASN A 188 0.20 27.09 2.72
C ASN A 188 -1.03 28.00 2.79
N THR A 189 -1.55 28.39 1.64
CA THR A 189 -2.71 29.28 1.60
C THR A 189 -4.01 28.52 1.43
N GLN A 190 -3.96 27.19 1.47
CA GLN A 190 -5.17 26.38 1.41
C GLN A 190 -6.11 26.84 2.52
N VAL A 191 -7.41 26.68 2.32
CA VAL A 191 -8.39 27.14 3.30
C VAL A 191 -9.17 25.92 3.82
N PRO A 192 -8.67 25.32 4.92
CA PRO A 192 -9.43 24.25 5.56
C PRO A 192 -10.62 24.87 6.26
N ASP A 193 -11.81 24.56 5.78
CA ASP A 193 -13.02 25.27 6.17
C ASP A 193 -14.06 24.28 6.68
N VAL A 194 -14.31 24.32 7.99
CA VAL A 194 -15.31 23.45 8.60
C VAL A 194 -16.53 24.25 9.07
N SER A 195 -16.70 25.45 8.52
CA SER A 195 -17.82 26.32 8.86
C SER A 195 -19.15 25.79 8.33
N HIS A 196 -19.10 24.80 7.44
CA HIS A 196 -20.30 24.15 6.93
C HIS A 196 -20.43 22.72 7.45
N ALA A 197 -19.40 22.26 8.17
CA ALA A 197 -19.33 20.86 8.59
C ALA A 197 -20.30 20.52 9.71
N THR A 198 -20.74 19.26 9.73
CA THR A 198 -21.58 18.74 10.79
C THR A 198 -20.94 17.51 11.39
N VAL A 199 -21.36 17.16 12.61
CA VAL A 199 -20.85 16.00 13.30
C VAL A 199 -22.00 15.22 13.91
N ASP A 200 -22.01 13.91 13.69
CA ASP A 200 -23.04 13.03 14.23
C ASP A 200 -22.58 12.46 15.56
N LYS A 201 -23.41 12.60 16.59
CA LYS A 201 -23.16 11.99 17.88
C LYS A 201 -24.34 11.13 18.26
N GLU A 202 -24.25 10.47 19.41
CA GLU A 202 -25.32 9.59 19.86
C GLU A 202 -26.64 10.34 19.91
N GLY A 203 -26.59 11.59 20.35
CA GLY A 203 -27.78 12.40 20.54
C GLY A 203 -28.21 13.22 19.34
N GLY A 204 -27.54 13.03 18.20
CA GLY A 204 -27.94 13.68 16.97
C GLY A 204 -26.83 14.42 16.26
N THR A 205 -27.19 15.09 15.17
CA THR A 205 -26.25 15.85 14.38
C THR A 205 -26.15 17.30 14.85
N LYS A 206 -24.93 17.81 14.92
CA LYS A 206 -24.71 19.21 15.30
C LYS A 206 -23.69 19.86 14.37
N LYS A 207 -23.68 21.18 14.35
CA LYS A 207 -22.71 21.92 13.56
C LYS A 207 -21.36 21.91 14.26
N VAL A 208 -20.28 21.69 13.51
CA VAL A 208 -18.95 21.70 14.10
C VAL A 208 -18.68 23.04 14.79
N SER A 209 -19.18 24.12 14.20
CA SER A 209 -19.01 25.45 14.79
C SER A 209 -19.67 25.57 16.16
N ASP A 210 -20.61 24.68 16.45
CA ASP A 210 -21.31 24.71 17.74
C ASP A 210 -20.62 23.82 18.78
N ALA A 211 -19.67 23.01 18.33
CA ALA A 211 -18.96 22.09 19.20
C ALA A 211 -17.56 22.60 19.53
N LEU A 212 -17.06 23.53 18.73
CA LEU A 212 -15.70 24.04 18.88
C LEU A 212 -15.68 25.55 18.69
N PRO A 213 -14.74 26.24 19.35
CA PRO A 213 -14.69 27.70 19.25
C PRO A 213 -14.18 28.21 17.90
N LYS A 214 -14.73 29.33 17.45
CA LYS A 214 -14.38 29.93 16.16
C LYS A 214 -12.87 30.14 16.03
N GLU A 215 -12.25 30.57 17.13
CA GLU A 215 -10.82 30.88 17.10
C GLU A 215 -9.94 29.63 16.88
N TYR A 216 -10.38 28.49 17.39
CA TYR A 216 -9.67 27.24 17.12
C TYR A 216 -9.87 26.86 15.65
N LEU A 217 -11.11 26.96 15.18
CA LEU A 217 -11.46 26.54 13.84
C LEU A 217 -10.76 27.36 12.75
N GLU A 218 -10.46 28.62 13.05
CA GLU A 218 -9.86 29.54 12.09
C GLU A 218 -8.38 29.79 12.37
N GLY A 219 -7.86 29.18 13.43
CA GLY A 219 -6.49 29.40 13.84
C GLY A 219 -5.68 28.13 13.88
N GLU A 220 -5.58 27.55 15.07
CA GLU A 220 -4.82 26.33 15.30
C GLU A 220 -5.14 25.23 14.29
N PHE A 221 -6.42 24.98 14.05
CA PHE A 221 -6.85 23.94 13.10
C PHE A 221 -6.30 24.22 11.71
N VAL A 222 -6.46 25.46 11.26
CA VAL A 222 -6.03 25.84 9.92
C VAL A 222 -4.54 25.65 9.72
N GLN A 223 -3.75 26.15 10.65
CA GLN A 223 -2.30 26.06 10.56
C GLN A 223 -1.83 24.60 10.63
N LYS A 224 -2.50 23.80 11.44
CA LYS A 224 -2.17 22.38 11.57
C LYS A 224 -2.30 21.67 10.22
N ILE A 225 -3.43 21.88 9.55
CA ILE A 225 -3.69 21.24 8.27
C ILE A 225 -2.77 21.80 7.19
N ALA A 226 -2.54 23.12 7.22
CA ALA A 226 -1.72 23.77 6.19
C ALA A 226 -0.26 23.32 6.26
N GLN A 227 0.18 22.94 7.47
CA GLN A 227 1.57 22.56 7.71
C GLN A 227 1.76 21.04 7.80
N ARG A 228 0.67 20.30 7.62
CA ARG A 228 0.68 18.86 7.88
C ARG A 228 1.61 18.11 6.93
N GLY A 229 1.62 18.52 5.67
CA GLY A 229 2.46 17.89 4.67
C GLY A 229 3.93 17.95 5.08
N GLY A 230 4.36 19.13 5.53
CA GLY A 230 5.72 19.33 5.96
C GLY A 230 6.01 18.59 7.25
N ALA A 231 5.01 18.53 8.13
CA ALA A 231 5.16 17.85 9.41
C ALA A 231 5.39 16.35 9.23
N VAL A 232 4.64 15.73 8.31
CA VAL A 232 4.83 14.30 8.02
C VAL A 232 6.20 14.08 7.41
N ILE A 233 6.57 14.92 6.45
CA ILE A 233 7.86 14.79 5.78
C ILE A 233 9.00 14.87 6.80
N GLU A 234 8.90 15.80 7.73
CA GLU A 234 9.90 15.97 8.78
C GLU A 234 10.00 14.74 9.67
N ALA A 235 8.86 14.16 10.00
CA ALA A 235 8.82 13.01 10.91
C ALA A 235 9.41 11.76 10.27
N ARG A 236 8.95 11.44 9.06
CA ARG A 236 9.35 10.22 8.39
C ARG A 236 10.66 10.36 7.64
N GLY A 237 11.06 11.59 7.36
CA GLY A 237 12.20 11.84 6.49
C GLY A 237 11.91 11.31 5.09
N ALA A 238 10.63 11.32 4.73
CA ALA A 238 10.17 10.77 3.47
C ALA A 238 8.76 11.29 3.17
N SER A 239 8.25 10.96 1.99
CA SER A 239 6.95 11.48 1.54
C SER A 239 5.79 10.82 2.25
N SER A 240 4.64 11.50 2.24
CA SER A 240 3.39 10.94 2.77
C SER A 240 2.80 9.97 1.76
N ALA A 241 3.54 8.91 1.47
CA ALA A 241 3.25 8.01 0.35
C ALA A 241 1.88 7.31 0.40
N ALA A 242 1.67 6.51 1.43
CA ALA A 242 0.42 5.75 1.55
C ALA A 242 -0.81 6.65 1.71
N SER A 243 -0.70 7.74 2.47
CA SER A 243 -1.87 8.60 2.64
C SER A 243 -2.15 9.41 1.37
N ALA A 244 -1.11 9.73 0.62
CA ALA A 244 -1.30 10.46 -0.64
C ALA A 244 -1.89 9.54 -1.69
N ALA A 245 -1.41 8.31 -1.72
CA ALA A 245 -1.93 7.32 -2.67
C ALA A 245 -3.39 7.05 -2.34
N ASN A 246 -3.68 6.97 -1.04
CA ASN A 246 -5.06 6.80 -0.60
C ASN A 246 -5.95 7.94 -1.07
N ALA A 247 -5.49 9.18 -0.87
CA ALA A 247 -6.23 10.35 -1.31
C ALA A 247 -6.42 10.37 -2.82
N ALA A 248 -5.40 9.98 -3.57
CA ALA A 248 -5.49 9.97 -5.02
C ALA A 248 -6.55 8.98 -5.48
N LEU A 249 -6.58 7.81 -4.84
N LEU A 249 -6.58 7.82 -4.82
CA LEU A 249 -7.60 6.80 -5.13
CA LEU A 249 -7.55 6.79 -5.13
C LEU A 249 -8.99 7.30 -4.79
C LEU A 249 -8.95 7.24 -4.77
N CYS A 250 -9.10 7.90 -3.63
CA CYS A 250 -10.40 8.43 -3.21
C CYS A 250 -10.89 9.48 -4.21
N HIS A 251 -10.01 10.38 -4.59
CA HIS A 251 -10.34 11.43 -5.54
C HIS A 251 -10.83 10.82 -6.85
N MET A 252 -10.05 9.90 -7.40
CA MET A 252 -10.38 9.31 -8.69
C MET A 252 -11.65 8.46 -8.61
N ARG A 253 -11.82 7.70 -7.53
CA ARG A 253 -13.00 6.87 -7.36
C ARG A 253 -14.25 7.74 -7.38
N ASP A 254 -14.24 8.83 -6.61
CA ASP A 254 -15.40 9.73 -6.55
C ASP A 254 -15.62 10.44 -7.88
N TRP A 255 -14.54 10.81 -8.56
CA TRP A 255 -14.61 11.48 -9.85
C TRP A 255 -15.20 10.56 -10.92
N LEU A 256 -14.89 9.28 -10.85
CA LEU A 256 -15.32 8.34 -11.87
C LEU A 256 -16.71 7.78 -11.62
N PHE A 257 -17.04 7.53 -10.35
CA PHE A 257 -18.27 6.81 -10.00
C PHE A 257 -19.30 7.68 -9.29
N GLY A 258 -18.89 8.88 -8.89
CA GLY A 258 -19.80 9.83 -8.28
C GLY A 258 -19.72 9.81 -6.77
N THR A 259 -20.14 10.90 -6.14
CA THR A 259 -20.13 11.02 -4.68
C THR A 259 -21.45 10.50 -4.12
N LYS A 260 -21.38 9.95 -2.91
CA LYS A 260 -22.57 9.45 -2.24
C LYS A 260 -23.42 10.64 -1.79
N PRO A 261 -24.75 10.48 -1.76
CA PRO A 261 -25.62 11.61 -1.42
C PRO A 261 -25.27 12.27 -0.09
N GLY A 262 -25.19 13.60 -0.10
CA GLY A 262 -24.85 14.36 1.09
C GLY A 262 -23.37 14.61 1.27
N ASP A 263 -22.53 13.84 0.58
CA ASP A 263 -21.08 13.99 0.69
C ASP A 263 -20.55 15.11 -0.20
N TRP A 264 -19.63 15.90 0.34
CA TRP A 264 -18.82 16.82 -0.46
C TRP A 264 -17.41 16.32 -0.47
N VAL A 265 -16.73 16.48 -1.60
CA VAL A 265 -15.31 16.23 -1.69
C VAL A 265 -14.61 17.45 -2.28
N SER A 266 -13.43 17.75 -1.77
CA SER A 266 -12.66 18.87 -2.27
C SER A 266 -11.87 18.41 -3.49
N MET A 267 -11.95 19.18 -4.57
CA MET A 267 -11.26 18.87 -5.82
C MET A 267 -10.72 20.16 -6.42
N GLY A 268 -9.44 20.18 -6.78
CA GLY A 268 -8.90 21.28 -7.56
C GLY A 268 -9.34 21.14 -9.00
N ILE A 269 -10.11 22.12 -9.49
CA ILE A 269 -10.65 22.06 -10.83
C ILE A 269 -10.47 23.39 -11.55
N PRO A 270 -10.48 23.36 -12.89
CA PRO A 270 -10.51 24.62 -13.66
C PRO A 270 -11.67 25.48 -13.17
N VAL A 271 -11.41 26.77 -12.94
CA VAL A 271 -12.45 27.66 -12.42
C VAL A 271 -13.45 27.94 -13.53
N PRO A 272 -14.72 27.56 -13.34
CA PRO A 272 -15.68 27.85 -14.41
C PRO A 272 -16.17 29.29 -14.36
N GLU A 273 -16.48 29.85 -15.53
CA GLU A 273 -17.12 31.15 -15.58
C GLU A 273 -18.44 31.03 -14.83
N GLY A 274 -18.71 32.01 -13.98
CA GLY A 274 -19.93 31.98 -13.20
C GLY A 274 -19.94 30.91 -12.14
N ASN A 275 -18.79 30.62 -11.55
CA ASN A 275 -18.77 29.83 -10.32
C ASN A 275 -19.40 30.68 -9.22
N PRO A 276 -19.93 30.04 -8.17
CA PRO A 276 -20.74 30.78 -7.19
C PRO A 276 -19.97 31.73 -6.27
N TYR A 277 -18.64 31.70 -6.31
CA TYR A 277 -17.86 32.27 -5.21
C TYR A 277 -16.85 33.34 -5.64
N GLY A 278 -17.04 33.88 -6.85
CA GLY A 278 -16.32 35.05 -7.28
C GLY A 278 -14.89 34.81 -7.75
N ILE A 279 -14.49 33.55 -7.86
CA ILE A 279 -13.14 33.24 -8.30
C ILE A 279 -13.03 33.52 -9.80
N LYS A 280 -11.94 34.16 -10.20
CA LYS A 280 -11.73 34.48 -11.60
C LYS A 280 -11.26 33.24 -12.36
N PRO A 281 -11.82 33.02 -13.56
CA PRO A 281 -11.30 31.92 -14.39
C PRO A 281 -9.82 32.11 -14.69
N GLY A 282 -9.12 31.01 -14.92
CA GLY A 282 -7.72 31.08 -15.34
C GLY A 282 -6.76 30.36 -14.43
N VAL A 283 -7.29 29.73 -13.37
CA VAL A 283 -6.47 28.90 -12.49
C VAL A 283 -7.22 27.63 -12.16
N ILE A 284 -6.50 26.71 -11.53
CA ILE A 284 -7.07 25.49 -10.96
C ILE A 284 -7.28 25.75 -9.48
N TYR A 285 -8.52 25.68 -9.02
CA TYR A 285 -8.91 26.11 -7.67
C TYR A 285 -9.72 25.00 -7.00
N SER A 286 -9.42 24.71 -5.75
CA SER A 286 -10.16 23.68 -5.04
C SER A 286 -11.49 24.24 -4.54
N PHE A 287 -12.55 23.51 -4.88
CA PHE A 287 -13.92 23.83 -4.48
C PHE A 287 -14.53 22.63 -3.79
N PRO A 288 -15.57 22.86 -2.97
CA PRO A 288 -16.41 21.75 -2.52
C PRO A 288 -17.24 21.27 -3.70
N CYS A 289 -17.17 19.97 -3.98
CA CYS A 289 -17.81 19.40 -5.17
C CYS A 289 -18.63 18.17 -4.84
N THR A 290 -19.67 17.95 -5.63
CA THR A 290 -20.30 16.65 -5.75
C THR A 290 -20.01 16.14 -7.15
N VAL A 291 -20.16 14.84 -7.34
CA VAL A 291 -19.97 14.22 -8.64
C VAL A 291 -21.12 13.26 -8.87
N ASP A 292 -21.79 13.38 -10.01
CA ASP A 292 -22.93 12.52 -10.32
C ASP A 292 -22.46 11.21 -10.95
N LYS A 293 -23.40 10.31 -11.20
CA LYS A 293 -23.09 8.99 -11.73
C LYS A 293 -22.44 9.06 -13.11
N ASP A 294 -22.58 10.19 -13.79
CA ASP A 294 -21.99 10.39 -15.11
C ASP A 294 -20.54 10.87 -15.01
N GLY A 295 -20.10 11.14 -13.80
CA GLY A 295 -18.74 11.58 -13.56
C GLY A 295 -18.58 13.06 -13.77
N LYS A 296 -19.71 13.77 -13.81
CA LYS A 296 -19.68 15.23 -14.00
C LYS A 296 -19.55 15.91 -12.65
N VAL A 297 -18.59 16.82 -12.56
CA VAL A 297 -18.30 17.54 -11.33
C VAL A 297 -19.19 18.78 -11.23
N HIS A 298 -19.68 19.06 -10.03
CA HIS A 298 -20.52 20.23 -9.78
C HIS A 298 -20.05 20.94 -8.52
N ILE A 299 -19.78 22.24 -8.62
CA ILE A 299 -19.42 23.02 -7.45
C ILE A 299 -20.65 23.21 -6.58
N VAL A 300 -20.53 22.91 -5.30
CA VAL A 300 -21.63 23.08 -4.36
C VAL A 300 -22.02 24.57 -4.29
N GLU A 301 -23.32 24.85 -4.44
CA GLU A 301 -23.81 26.22 -4.49
C GLU A 301 -24.48 26.62 -3.18
N GLY A 302 -24.71 27.92 -3.03
CA GLY A 302 -25.53 28.44 -1.96
C GLY A 302 -24.89 28.44 -0.58
N LEU A 303 -23.58 28.27 -0.52
CA LEU A 303 -22.88 28.26 0.76
C LEU A 303 -22.67 29.67 1.28
N GLU A 304 -22.93 29.87 2.57
CA GLU A 304 -22.68 31.16 3.18
C GLU A 304 -21.21 31.27 3.56
N ILE A 305 -20.54 32.24 2.97
CA ILE A 305 -19.11 32.43 3.15
C ILE A 305 -18.88 33.58 4.11
N ASN A 306 -18.38 33.26 5.31
CA ASN A 306 -18.14 34.31 6.30
C ASN A 306 -16.90 35.12 5.91
N ASP A 307 -16.70 36.24 6.59
CA ASP A 307 -15.65 37.20 6.23
C ASP A 307 -14.26 36.60 6.30
N TRP A 308 -14.06 35.68 7.25
CA TRP A 308 -12.76 35.06 7.39
C TRP A 308 -12.47 34.13 6.21
N VAL A 309 -13.42 33.27 5.88
CA VAL A 309 -13.28 32.37 4.74
C VAL A 309 -13.09 33.16 3.44
N ARG A 310 -13.84 34.24 3.28
N ARG A 310 -13.84 34.24 3.29
CA ARG A 310 -13.75 35.06 2.06
CA ARG A 310 -13.77 35.07 2.08
C ARG A 310 -12.34 35.61 1.89
C ARG A 310 -12.36 35.61 1.89
N GLU A 311 -11.80 36.19 2.96
CA GLU A 311 -10.45 36.74 2.90
C GLU A 311 -9.45 35.65 2.55
N LYS A 312 -9.60 34.47 3.15
CA LYS A 312 -8.68 33.37 2.88
C LYS A 312 -8.81 32.91 1.43
N MET A 313 -10.04 32.87 0.93
CA MET A 313 -10.28 32.42 -0.45
C MET A 313 -9.66 33.39 -1.45
N GLU A 314 -9.71 34.67 -1.12
CA GLU A 314 -9.12 35.70 -1.96
C GLU A 314 -7.60 35.60 -1.93
N ALA A 315 -7.05 35.30 -0.76
CA ALA A 315 -5.60 35.22 -0.60
C ALA A 315 -5.03 34.05 -1.40
N THR A 316 -5.73 32.93 -1.37
CA THR A 316 -5.26 31.75 -2.09
C THR A 316 -5.43 31.93 -3.60
N GLU A 317 -6.48 32.62 -4.04
CA GLU A 317 -6.63 32.94 -5.46
C GLU A 317 -5.48 33.81 -5.94
N LYS A 318 -5.14 34.82 -5.13
CA LYS A 318 -4.03 35.71 -5.44
C LYS A 318 -2.73 34.90 -5.62
N GLU A 319 -2.51 33.93 -4.74
CA GLU A 319 -1.31 33.11 -4.85
C GLU A 319 -1.32 32.27 -6.12
N LEU A 320 -2.48 31.74 -6.49
CA LEU A 320 -2.57 30.88 -7.67
C LEU A 320 -2.27 31.67 -8.94
N ILE A 321 -2.75 32.91 -8.97
CA ILE A 321 -2.51 33.78 -10.10
C ILE A 321 -1.03 34.11 -10.19
N GLU A 322 -0.42 34.41 -9.05
CA GLU A 322 1.02 34.66 -9.01
C GLU A 322 1.82 33.45 -9.48
N GLU A 323 1.43 32.26 -9.04
CA GLU A 323 2.11 31.02 -9.43
C GLU A 323 1.98 30.78 -10.92
N ARG A 324 0.81 31.07 -11.48
CA ARG A 324 0.60 30.93 -12.92
C ARG A 324 1.57 31.80 -13.70
N GLU A 325 1.71 33.06 -13.29
N GLU A 325 1.67 33.07 -13.29
CA GLU A 325 2.58 33.98 -14.00
CA GLU A 325 2.57 34.03 -13.92
C GLU A 325 4.04 33.58 -13.81
C GLU A 325 4.01 33.54 -13.81
N THR A 326 4.37 33.05 -12.64
CA THR A 326 5.73 32.56 -12.40
C THR A 326 6.01 31.35 -13.29
N ALA A 327 5.03 30.46 -13.37
CA ALA A 327 5.17 29.24 -14.15
C ALA A 327 5.42 29.55 -15.62
N PHE A 328 4.62 30.44 -16.18
CA PHE A 328 4.76 30.82 -17.58
C PHE A 328 6.12 31.48 -17.83
N LYS A 329 6.60 32.27 -16.88
CA LYS A 329 7.90 32.91 -17.01
C LYS A 329 9.00 31.84 -16.98
N VAL A 330 8.89 30.90 -16.05
CA VAL A 330 9.84 29.80 -15.93
C VAL A 330 9.89 28.97 -17.22
N LEU A 331 8.72 28.65 -17.76
CA LEU A 331 8.65 27.84 -18.97
C LEU A 331 9.23 28.57 -20.16
N ALA A 332 9.01 29.88 -20.21
CA ALA A 332 9.54 30.68 -21.30
C ALA A 332 11.06 30.75 -21.21
N GLN A 333 11.57 30.83 -19.99
CA GLN A 333 13.01 30.85 -19.77
C GLN A 333 13.65 29.53 -20.20
N LEU A 334 13.06 28.42 -19.73
CA LEU A 334 13.55 27.10 -20.10
C LEU A 334 13.53 26.90 -21.61
N GLU A 335 12.44 27.33 -22.24
CA GLU A 335 12.28 27.17 -23.68
C GLU A 335 13.39 27.87 -24.47
N HIS A 336 13.90 28.96 -23.91
CA HIS A 336 14.92 29.77 -24.60
C HIS A 336 16.31 29.64 -23.97
N HIS A 337 16.43 28.73 -23.01
CA HIS A 337 17.68 28.51 -22.28
C HIS A 337 18.16 29.80 -21.63
N GLU B 3 -16.14 -6.03 19.78
CA GLU B 3 -14.96 -5.30 20.22
C GLU B 3 -13.89 -5.34 19.14
N PRO B 4 -13.03 -4.31 19.10
CA PRO B 4 -12.01 -4.28 18.06
C PRO B 4 -10.95 -5.37 18.25
N ILE B 5 -10.38 -5.81 17.13
CA ILE B 5 -9.31 -6.79 17.18
C ILE B 5 -7.99 -6.07 17.27
N HIS B 6 -7.12 -6.58 18.13
CA HIS B 6 -5.80 -5.99 18.34
C HIS B 6 -4.73 -6.69 17.50
N VAL B 7 -4.15 -5.94 16.57
CA VAL B 7 -3.20 -6.47 15.59
C VAL B 7 -1.86 -5.77 15.74
N LEU B 8 -0.82 -6.55 15.96
CA LEU B 8 0.54 -6.05 16.12
C LEU B 8 1.34 -6.19 14.83
N ILE B 9 2.03 -5.11 14.46
CA ILE B 9 3.05 -5.17 13.44
C ILE B 9 4.34 -4.67 14.06
N THR B 10 5.38 -5.53 14.10
CA THR B 10 6.70 -5.08 14.52
C THR B 10 7.45 -4.55 13.30
N GLY B 11 8.52 -3.81 13.53
CA GLY B 11 9.23 -3.14 12.45
C GLY B 11 8.32 -2.22 11.67
N ALA B 12 7.40 -1.57 12.37
CA ALA B 12 6.28 -0.87 11.75
C ALA B 12 6.67 0.35 10.90
N ALA B 13 7.86 0.91 11.13
CA ALA B 13 8.31 2.08 10.36
C ALA B 13 9.06 1.66 9.09
N GLY B 14 9.40 0.38 9.01
CA GLY B 14 10.11 -0.16 7.86
C GLY B 14 9.24 -0.35 6.64
N GLN B 15 9.85 -0.83 5.55
N GLN B 15 9.83 -0.80 5.53
CA GLN B 15 9.19 -0.88 4.26
CA GLN B 15 9.10 -0.81 4.26
C GLN B 15 7.98 -1.83 4.26
C GLN B 15 7.95 -1.83 4.25
N ILE B 16 8.16 -3.01 4.84
CA ILE B 16 7.09 -4.00 4.88
C ILE B 16 6.03 -3.61 5.91
N GLY B 17 6.48 -3.20 7.09
CA GLY B 17 5.57 -2.74 8.12
C GLY B 17 4.66 -1.63 7.64
N TYR B 18 5.26 -0.63 7.00
CA TYR B 18 4.53 0.50 6.42
C TYR B 18 3.44 -0.01 5.49
N ALA B 19 3.82 -0.80 4.49
CA ALA B 19 2.86 -1.32 3.51
C ALA B 19 1.74 -2.09 4.20
N LEU B 20 2.09 -2.92 5.17
CA LEU B 20 1.11 -3.75 5.83
C LEU B 20 0.11 -2.93 6.66
N ALA B 21 0.61 -1.90 7.34
CA ALA B 21 -0.21 -1.12 8.27
C ALA B 21 -1.43 -0.51 7.60
N PHE B 22 -1.25 0.08 6.42
CA PHE B 22 -2.35 0.78 5.78
C PHE B 22 -3.40 -0.19 5.25
N ARG B 23 -2.97 -1.35 4.80
CA ARG B 23 -3.91 -2.35 4.33
C ARG B 23 -4.73 -2.91 5.49
N ILE B 24 -4.09 -3.18 6.61
CA ILE B 24 -4.82 -3.69 7.76
C ILE B 24 -5.75 -2.61 8.28
N ALA B 25 -5.25 -1.39 8.37
CA ALA B 25 -6.02 -0.28 8.92
C ALA B 25 -7.30 -0.02 8.15
N LYS B 26 -7.27 -0.25 6.84
CA LYS B 26 -8.40 0.13 6.00
C LYS B 26 -9.41 -1.00 5.77
N GLY B 27 -9.12 -2.17 6.34
CA GLY B 27 -10.07 -3.27 6.35
C GLY B 27 -9.71 -4.51 5.54
N ASP B 28 -8.51 -4.56 4.96
CA ASP B 28 -8.15 -5.67 4.07
C ASP B 28 -8.01 -7.02 4.78
N LEU B 29 -7.79 -7.00 6.09
CA LEU B 29 -7.61 -8.23 6.85
C LEU B 29 -8.89 -8.69 7.54
N PHE B 30 -9.52 -7.81 8.32
CA PHE B 30 -10.67 -8.20 9.13
C PHE B 30 -12.00 -7.64 8.61
N GLY B 31 -11.97 -7.08 7.41
CA GLY B 31 -13.18 -6.59 6.78
C GLY B 31 -13.82 -5.44 7.54
N ASP B 32 -15.08 -5.60 7.90
CA ASP B 32 -15.83 -4.53 8.56
C ASP B 32 -15.48 -4.41 10.03
N ARG B 33 -14.80 -5.42 10.58
CA ARG B 33 -14.47 -5.40 12.00
C ARG B 33 -13.40 -4.36 12.28
N LYS B 34 -13.63 -3.55 13.31
CA LYS B 34 -12.69 -2.51 13.65
C LYS B 34 -11.42 -3.10 14.23
N VAL B 35 -10.30 -2.43 13.99
N VAL B 35 -10.30 -2.41 13.98
CA VAL B 35 -9.00 -2.93 14.41
CA VAL B 35 -8.98 -2.87 14.36
C VAL B 35 -8.22 -1.86 15.16
C VAL B 35 -8.27 -1.83 15.20
N VAL B 36 -7.55 -2.28 16.22
CA VAL B 36 -6.62 -1.44 16.95
C VAL B 36 -5.23 -1.92 16.57
N LEU B 37 -4.48 -1.06 15.88
CA LEU B 37 -3.13 -1.39 15.44
C LEU B 37 -2.11 -1.13 16.52
N HIS B 38 -1.38 -2.15 16.90
CA HIS B 38 -0.19 -1.99 17.73
C HIS B 38 1.01 -1.94 16.80
N LEU B 39 1.82 -0.90 16.93
CA LEU B 39 2.99 -0.71 16.08
C LEU B 39 4.23 -0.65 16.95
N LEU B 40 5.12 -1.64 16.80
CA LEU B 40 6.34 -1.71 17.59
C LEU B 40 7.56 -1.36 16.74
N GLU B 41 8.39 -0.48 17.26
CA GLU B 41 9.68 -0.15 16.65
C GLU B 41 10.76 -0.10 17.72
N ILE B 42 12.01 0.01 17.28
CA ILE B 42 13.11 0.32 18.20
C ILE B 42 13.19 1.83 18.35
N PRO B 43 13.79 2.30 19.45
CA PRO B 43 13.83 3.74 19.77
C PRO B 43 14.26 4.66 18.62
N PRO B 44 15.33 4.30 17.87
CA PRO B 44 15.75 5.24 16.82
C PRO B 44 14.74 5.42 15.68
N ALA B 45 13.74 4.54 15.60
CA ALA B 45 12.77 4.58 14.52
C ALA B 45 11.43 5.19 14.95
N MET B 46 11.35 5.63 16.19
CA MET B 46 10.09 6.10 16.76
C MET B 46 9.63 7.44 16.19
N LYS B 47 10.58 8.30 15.83
CA LYS B 47 10.24 9.57 15.18
C LYS B 47 9.52 9.27 13.86
N ALA B 48 10.07 8.36 13.07
CA ALA B 48 9.47 8.01 11.80
C ALA B 48 8.13 7.33 12.02
N LEU B 49 8.04 6.51 13.07
CA LEU B 49 6.81 5.78 13.32
C LEU B 49 5.66 6.74 13.64
N GLU B 50 5.95 7.81 14.36
CA GLU B 50 4.92 8.80 14.64
C GLU B 50 4.47 9.45 13.33
N GLY B 51 5.39 9.54 12.38
CA GLY B 51 5.05 10.02 11.04
C GLY B 51 4.07 9.07 10.37
N VAL B 52 4.29 7.77 10.54
CA VAL B 52 3.39 6.77 10.00
C VAL B 52 2.01 6.90 10.66
N CYS B 53 2.00 7.16 11.97
CA CYS B 53 0.73 7.32 12.67
C CYS B 53 -0.02 8.54 12.18
N MET B 54 0.71 9.61 11.87
CA MET B 54 0.08 10.80 11.28
C MET B 54 -0.58 10.44 9.96
N GLU B 55 0.13 9.72 9.10
CA GLU B 55 -0.41 9.30 7.82
C GLU B 55 -1.65 8.43 8.00
N LEU B 56 -1.64 7.54 8.98
CA LEU B 56 -2.80 6.71 9.23
C LEU B 56 -4.02 7.57 9.56
N GLN B 57 -3.86 8.56 10.43
CA GLN B 57 -4.94 9.48 10.73
C GLN B 57 -5.38 10.17 9.45
N ASP B 58 -4.41 10.51 8.63
CA ASP B 58 -4.68 11.26 7.41
C ASP B 58 -5.38 10.43 6.33
N CYS B 59 -5.58 9.14 6.59
CA CYS B 59 -6.32 8.28 5.66
C CYS B 59 -7.81 8.24 5.96
N ALA B 60 -8.17 8.62 7.17
CA ALA B 60 -9.58 8.64 7.58
C ALA B 60 -10.28 7.31 7.29
N PHE B 61 -9.67 6.21 7.74
CA PHE B 61 -10.23 4.88 7.59
C PHE B 61 -11.16 4.57 8.75
N PRO B 62 -12.47 4.38 8.50
CA PRO B 62 -13.38 4.09 9.61
C PRO B 62 -13.06 2.79 10.38
N THR B 63 -12.41 1.83 9.73
CA THR B 63 -12.11 0.56 10.38
C THR B 63 -11.00 0.66 11.44
N LEU B 64 -10.25 1.77 11.42
CA LEU B 64 -9.16 1.95 12.39
C LEU B 64 -9.70 2.54 13.68
N ALA B 65 -9.81 1.70 14.71
CA ALA B 65 -10.39 2.11 15.98
C ALA B 65 -9.36 2.73 16.91
N GLY B 66 -8.09 2.52 16.62
CA GLY B 66 -7.04 3.04 17.46
C GLY B 66 -5.66 2.63 16.98
N VAL B 67 -4.66 3.37 17.45
CA VAL B 67 -3.27 3.07 17.15
C VAL B 67 -2.45 3.17 18.42
N VAL B 68 -1.62 2.16 18.66
CA VAL B 68 -0.71 2.13 19.79
C VAL B 68 0.69 2.02 19.23
N ALA B 69 1.40 3.14 19.20
CA ALA B 69 2.77 3.16 18.70
C ALA B 69 3.73 3.22 19.88
N THR B 70 4.64 2.26 19.94
CA THR B 70 5.51 2.13 21.10
C THR B 70 6.83 1.46 20.76
N ASP B 71 7.81 1.64 21.65
CA ASP B 71 9.05 0.87 21.60
C ASP B 71 9.13 -0.07 22.81
N ASP B 72 8.02 -0.19 23.53
CA ASP B 72 7.95 -1.05 24.72
C ASP B 72 7.21 -2.35 24.40
N PRO B 73 7.89 -3.50 24.51
CA PRO B 73 7.25 -4.76 24.14
C PRO B 73 6.00 -5.09 24.97
N GLU B 74 6.02 -4.71 26.24
N GLU B 74 6.02 -4.75 26.26
CA GLU B 74 4.91 -5.00 27.15
CA GLU B 74 4.88 -5.04 27.12
C GLU B 74 3.64 -4.30 26.66
C GLU B 74 3.63 -4.31 26.61
N GLU B 75 3.81 -3.09 26.13
CA GLU B 75 2.70 -2.32 25.59
C GLU B 75 2.31 -2.84 24.21
N ALA B 76 3.31 -3.18 23.41
CA ALA B 76 3.06 -3.61 22.02
C ALA B 76 2.31 -4.94 21.95
N PHE B 77 2.65 -5.86 22.84
CA PHE B 77 2.12 -7.23 22.76
C PHE B 77 0.88 -7.46 23.62
N LYS B 78 0.47 -6.44 24.38
CA LYS B 78 -0.64 -6.59 25.32
C LYS B 78 -1.97 -6.89 24.64
N ASP B 79 -2.54 -8.05 24.98
CA ASP B 79 -3.84 -8.48 24.50
C ASP B 79 -3.95 -8.60 22.98
N VAL B 80 -2.81 -8.75 22.31
N VAL B 80 -2.80 -8.77 22.32
CA VAL B 80 -2.82 -8.87 20.86
CA VAL B 80 -2.76 -8.89 20.87
C VAL B 80 -3.40 -10.20 20.41
C VAL B 80 -3.38 -10.22 20.41
N ASP B 81 -4.19 -10.14 19.35
CA ASP B 81 -4.85 -11.31 18.78
C ASP B 81 -4.07 -11.85 17.60
N VAL B 82 -3.42 -10.95 16.88
CA VAL B 82 -2.68 -11.28 15.66
C VAL B 82 -1.37 -10.53 15.68
N ALA B 83 -0.27 -11.22 15.35
CA ALA B 83 1.06 -10.60 15.39
C ALA B 83 1.82 -10.90 14.11
N PHE B 84 2.24 -9.84 13.43
CA PHE B 84 3.15 -9.95 12.30
C PHE B 84 4.53 -9.53 12.77
N LEU B 85 5.43 -10.50 12.90
CA LEU B 85 6.79 -10.22 13.34
C LEU B 85 7.66 -9.95 12.13
N VAL B 86 7.73 -8.67 11.78
CA VAL B 86 8.42 -8.20 10.58
C VAL B 86 9.75 -7.57 10.96
N GLY B 87 9.77 -6.89 12.10
CA GLY B 87 10.97 -6.22 12.57
C GLY B 87 12.15 -7.15 12.69
N SER B 88 13.32 -6.66 12.28
CA SER B 88 14.54 -7.45 12.37
C SER B 88 15.72 -6.54 12.13
N PHE B 89 16.93 -7.02 12.42
CA PHE B 89 18.12 -6.23 12.17
C PHE B 89 18.32 -6.11 10.66
N PRO B 90 18.75 -4.92 10.20
CA PRO B 90 18.90 -4.70 8.76
C PRO B 90 20.12 -5.40 8.20
N ARG B 91 19.99 -5.97 7.01
CA ARG B 91 21.12 -6.56 6.31
C ARG B 91 21.99 -5.47 5.68
N LYS B 92 23.05 -5.07 6.37
CA LYS B 92 24.00 -4.10 5.83
C LYS B 92 24.71 -4.70 4.62
N PRO B 93 25.35 -3.85 3.81
CA PRO B 93 26.14 -4.38 2.70
C PRO B 93 27.23 -5.35 3.18
N GLY B 94 27.30 -6.52 2.57
CA GLY B 94 28.32 -7.49 2.88
C GLY B 94 27.96 -8.42 4.02
N MET B 95 26.83 -8.18 4.67
CA MET B 95 26.37 -9.07 5.73
C MET B 95 25.95 -10.42 5.15
N GLU B 96 26.45 -11.48 5.76
CA GLU B 96 26.12 -12.85 5.35
C GLU B 96 24.91 -13.35 6.14
N ARG B 97 24.28 -14.40 5.62
CA ARG B 97 23.09 -14.96 6.25
C ARG B 97 23.36 -15.42 7.67
N ALA B 98 24.56 -15.97 7.89
CA ALA B 98 24.94 -16.49 9.20
C ALA B 98 24.94 -15.41 10.27
N ASP B 99 25.47 -14.24 9.93
CA ASP B 99 25.54 -13.12 10.87
C ASP B 99 24.13 -12.62 11.19
N LEU B 100 23.28 -12.58 10.17
CA LEU B 100 21.91 -12.12 10.34
C LEU B 100 21.14 -13.04 11.29
N LEU B 101 21.39 -14.33 11.18
CA LEU B 101 20.78 -15.33 12.05
C LEU B 101 21.12 -15.04 13.51
N GLU B 102 22.40 -14.80 13.79
CA GLU B 102 22.83 -14.53 15.16
C GLU B 102 22.23 -13.25 15.70
N LYS B 103 22.24 -12.20 14.88
CA LYS B 103 21.74 -10.90 15.29
C LYS B 103 20.24 -10.94 15.62
N ASN B 104 19.48 -11.68 14.83
CA ASN B 104 18.03 -11.75 15.00
C ASN B 104 17.59 -12.73 16.08
N ALA B 105 18.48 -13.65 16.45
CA ALA B 105 18.13 -14.69 17.42
C ALA B 105 17.67 -14.09 18.75
N GLY B 106 18.37 -13.07 19.22
CA GLY B 106 18.02 -12.42 20.47
C GLY B 106 16.71 -11.67 20.39
N ILE B 107 16.41 -11.13 19.22
N ILE B 107 16.42 -11.10 19.23
CA ILE B 107 15.19 -10.36 19.01
CA ILE B 107 15.17 -10.36 19.01
C ILE B 107 13.96 -11.25 19.18
C ILE B 107 13.97 -11.26 19.21
N PHE B 108 14.01 -12.44 18.61
CA PHE B 108 12.86 -13.35 18.63
C PHE B 108 12.74 -14.11 19.95
N LYS B 109 13.85 -14.25 20.67
CA LYS B 109 13.78 -14.75 22.03
C LYS B 109 12.97 -13.77 22.88
N VAL B 110 13.27 -12.49 22.75
CA VAL B 110 12.57 -11.46 23.51
C VAL B 110 11.10 -11.40 23.13
N GLN B 111 10.82 -11.50 21.83
CA GLN B 111 9.46 -11.38 21.35
C GLN B 111 8.62 -12.61 21.65
N GLY B 112 9.27 -13.78 21.63
CA GLY B 112 8.62 -15.00 22.09
C GLY B 112 8.16 -14.88 23.54
N LYS B 113 9.04 -14.41 24.41
CA LYS B 113 8.70 -14.21 25.81
C LYS B 113 7.57 -13.20 25.95
N ALA B 114 7.66 -12.10 25.20
CA ALA B 114 6.65 -11.05 25.28
C ALA B 114 5.27 -11.56 24.85
N LEU B 115 5.24 -12.34 23.76
CA LEU B 115 4.00 -12.97 23.31
C LEU B 115 3.40 -13.83 24.41
N SER B 116 4.24 -14.68 25.02
CA SER B 116 3.81 -15.58 26.06
C SER B 116 3.17 -14.84 27.24
N GLU B 117 3.84 -13.79 27.69
CA GLU B 117 3.44 -13.11 28.92
C GLU B 117 2.33 -12.09 28.74
N TYR B 118 2.19 -11.54 27.54
CA TYR B 118 1.32 -10.38 27.32
C TYR B 118 0.21 -10.58 26.31
N ALA B 119 0.47 -11.37 25.26
CA ALA B 119 -0.52 -11.55 24.21
C ALA B 119 -1.61 -12.51 24.65
N LYS B 120 -2.73 -12.51 23.93
CA LYS B 120 -3.80 -13.46 24.20
C LYS B 120 -3.30 -14.87 23.95
N PRO B 121 -3.78 -15.85 24.73
CA PRO B 121 -3.35 -17.23 24.54
C PRO B 121 -3.72 -17.79 23.16
N THR B 122 -4.62 -17.11 22.47
CA THR B 122 -5.06 -17.53 21.14
C THR B 122 -4.34 -16.78 20.02
N VAL B 123 -3.28 -16.05 20.37
CA VAL B 123 -2.62 -15.18 19.40
C VAL B 123 -2.09 -15.99 18.22
N LYS B 124 -2.28 -15.45 17.02
CA LYS B 124 -1.76 -16.06 15.81
C LYS B 124 -0.55 -15.25 15.38
N VAL B 125 0.62 -15.88 15.40
CA VAL B 125 1.89 -15.22 15.17
C VAL B 125 2.50 -15.66 13.84
N LEU B 126 2.63 -14.71 12.91
CA LEU B 126 3.28 -14.95 11.62
C LEU B 126 4.65 -14.29 11.61
N VAL B 127 5.70 -15.09 11.41
CA VAL B 127 7.06 -14.57 11.37
C VAL B 127 7.45 -14.28 9.93
N VAL B 128 7.69 -13.01 9.65
CA VAL B 128 8.12 -12.54 8.34
C VAL B 128 9.62 -12.28 8.32
N GLY B 129 10.14 -11.62 9.36
CA GLY B 129 11.56 -11.29 9.40
C GLY B 129 12.48 -12.48 9.24
N ASN B 130 13.56 -12.30 8.48
CA ASN B 130 14.46 -13.41 8.16
C ASN B 130 15.56 -13.62 9.18
N PRO B 131 16.06 -14.87 9.31
CA PRO B 131 15.59 -16.09 8.64
C PRO B 131 14.27 -16.57 9.26
N ALA B 132 13.20 -16.56 8.46
CA ALA B 132 11.85 -16.69 9.01
C ALA B 132 11.61 -18.00 9.78
N ASN B 133 11.95 -19.13 9.18
CA ASN B 133 11.68 -20.42 9.82
C ASN B 133 12.40 -20.55 11.16
N THR B 134 13.67 -20.15 11.19
CA THR B 134 14.46 -20.26 12.40
C THR B 134 14.04 -19.20 13.44
N ASN B 135 13.76 -17.98 12.99
CA ASN B 135 13.25 -16.95 13.91
C ASN B 135 11.97 -17.40 14.60
N CYS B 136 11.12 -18.08 13.83
CA CYS B 136 9.85 -18.58 14.34
C CYS B 136 10.11 -19.67 15.37
N LEU B 137 11.07 -20.53 15.07
CA LEU B 137 11.45 -21.60 16.00
C LEU B 137 11.90 -21.02 17.32
N ILE B 138 12.72 -19.97 17.26
CA ILE B 138 13.24 -19.31 18.46
C ILE B 138 12.12 -18.69 19.28
N ALA B 139 11.23 -17.94 18.63
CA ALA B 139 10.13 -17.29 19.33
C ALA B 139 9.26 -18.32 20.05
N MET B 140 8.94 -19.41 19.35
CA MET B 140 8.10 -20.46 19.92
C MET B 140 8.80 -21.17 21.08
N ALA B 141 10.10 -21.37 20.94
CA ALA B 141 10.90 -22.02 21.97
C ALA B 141 10.90 -21.22 23.27
N ASN B 142 10.65 -19.92 23.16
CA ASN B 142 10.66 -19.02 24.32
C ASN B 142 9.28 -18.51 24.68
N ALA B 143 8.25 -19.22 24.23
CA ALA B 143 6.86 -18.86 24.51
C ALA B 143 6.13 -19.97 25.26
N PRO B 144 6.50 -20.21 26.53
CA PRO B 144 5.99 -21.37 27.28
C PRO B 144 4.48 -21.36 27.52
N LYS B 145 3.82 -20.21 27.51
CA LYS B 145 2.37 -20.16 27.71
C LYS B 145 1.61 -20.34 26.40
N LEU B 146 2.34 -20.40 25.29
CA LEU B 146 1.74 -20.66 23.98
C LEU B 146 2.15 -22.03 23.48
N GLY B 147 1.76 -22.38 22.27
CA GLY B 147 1.99 -23.70 21.72
C GLY B 147 2.21 -23.66 20.23
N PRO B 148 2.49 -24.83 19.63
CA PRO B 148 2.77 -24.89 18.19
C PRO B 148 1.67 -24.26 17.34
N GLU B 149 0.41 -24.37 17.77
CA GLU B 149 -0.71 -23.83 17.01
C GLU B 149 -0.67 -22.31 16.86
N ASN B 150 0.07 -21.62 17.73
CA ASN B 150 0.14 -20.16 17.68
C ASN B 150 1.15 -19.61 16.68
N PHE B 151 1.98 -20.47 16.09
CA PHE B 151 3.13 -19.99 15.31
C PHE B 151 3.19 -20.50 13.88
N SER B 152 3.66 -19.64 13.00
CA SER B 152 3.99 -20.05 11.65
C SER B 152 5.00 -19.07 11.06
N ALA B 153 5.68 -19.51 10.00
CA ALA B 153 6.64 -18.68 9.27
C ALA B 153 6.21 -18.53 7.82
N MET B 154 6.49 -17.38 7.23
CA MET B 154 5.92 -17.04 5.93
C MET B 154 6.74 -17.57 4.75
N THR B 155 6.16 -18.54 4.05
CA THR B 155 6.64 -18.93 2.74
C THR B 155 5.61 -18.51 1.69
N ARG B 156 4.59 -17.74 2.10
CA ARG B 156 3.50 -17.41 1.20
C ARG B 156 3.95 -16.50 0.06
N LEU B 157 5.04 -15.76 0.25
CA LEU B 157 5.56 -14.94 -0.85
C LEU B 157 6.20 -15.85 -1.89
N ASP B 158 6.91 -16.88 -1.44
CA ASP B 158 7.48 -17.87 -2.34
C ASP B 158 6.35 -18.54 -3.13
N HIS B 159 5.26 -18.80 -2.44
CA HIS B 159 4.09 -19.47 -3.00
C HIS B 159 3.40 -18.62 -4.06
N ASN B 160 3.13 -17.36 -3.72
CA ASN B 160 2.52 -16.42 -4.65
C ASN B 160 3.41 -16.16 -5.85
N ARG B 161 4.71 -16.13 -5.62
CA ARG B 161 5.67 -15.99 -6.71
C ARG B 161 5.57 -17.17 -7.68
N ALA B 162 5.50 -18.37 -7.12
CA ALA B 162 5.36 -19.59 -7.92
C ALA B 162 4.09 -19.54 -8.75
N ILE B 163 2.98 -19.12 -8.14
CA ILE B 163 1.70 -18.99 -8.82
C ILE B 163 1.80 -18.00 -9.97
N GLY B 164 2.36 -16.83 -9.69
CA GLY B 164 2.47 -15.78 -10.69
C GLY B 164 3.30 -16.22 -11.89
N GLU B 165 4.41 -16.90 -11.60
CA GLU B 165 5.33 -17.33 -12.63
C GLU B 165 4.75 -18.48 -13.47
N ILE B 166 4.15 -19.46 -12.83
CA ILE B 166 3.59 -20.58 -13.57
C ILE B 166 2.37 -20.15 -14.39
N ALA B 167 1.60 -19.20 -13.87
CA ALA B 167 0.45 -18.66 -14.59
C ALA B 167 0.92 -17.98 -15.87
N ALA B 168 1.99 -17.20 -15.76
CA ALA B 168 2.56 -16.50 -16.89
C ALA B 168 3.14 -17.49 -17.91
N LYS B 169 3.82 -18.52 -17.42
CA LYS B 169 4.39 -19.57 -18.26
C LYS B 169 3.31 -20.28 -19.06
N LEU B 170 2.19 -20.53 -18.41
CA LEU B 170 1.08 -21.26 -19.02
C LEU B 170 0.14 -20.33 -19.81
N GLY B 171 0.31 -19.02 -19.66
CA GLY B 171 -0.52 -18.05 -20.34
C GLY B 171 -1.96 -18.06 -19.86
N VAL B 172 -2.15 -18.34 -18.57
CA VAL B 172 -3.48 -18.36 -17.97
C VAL B 172 -3.58 -17.32 -16.86
N PRO B 173 -4.80 -16.88 -16.55
CA PRO B 173 -4.96 -15.99 -15.39
C PRO B 173 -4.59 -16.72 -14.11
N VAL B 174 -4.14 -15.98 -13.10
CA VAL B 174 -3.59 -16.58 -11.89
C VAL B 174 -4.59 -17.45 -11.13
N ASP B 175 -5.88 -17.12 -11.22
CA ASP B 175 -6.88 -17.87 -10.48
C ASP B 175 -7.28 -19.17 -11.19
N LYS B 176 -6.57 -19.51 -12.25
CA LYS B 176 -6.77 -20.79 -12.94
C LYS B 176 -5.68 -21.79 -12.58
N VAL B 177 -4.77 -21.38 -11.68
CA VAL B 177 -3.70 -22.26 -11.21
C VAL B 177 -4.03 -22.76 -9.81
N HIS B 178 -3.82 -24.06 -9.59
CA HIS B 178 -4.19 -24.69 -8.31
C HIS B 178 -3.13 -25.64 -7.80
N ASN B 179 -3.12 -25.82 -6.49
CA ASN B 179 -2.32 -26.86 -5.84
C ASN B 179 -0.82 -26.72 -6.05
N VAL B 180 -0.33 -25.49 -5.97
CA VAL B 180 1.10 -25.21 -5.96
C VAL B 180 1.59 -25.41 -4.54
N VAL B 181 2.85 -25.80 -4.39
CA VAL B 181 3.45 -26.02 -3.08
C VAL B 181 4.88 -25.50 -3.04
N VAL B 182 5.25 -24.89 -1.92
CA VAL B 182 6.64 -24.57 -1.62
C VAL B 182 6.98 -25.26 -0.30
N TRP B 183 7.90 -26.22 -0.36
CA TRP B 183 8.29 -26.99 0.82
C TRP B 183 9.50 -26.40 1.51
N GLY B 184 9.53 -26.56 2.83
CA GLY B 184 10.76 -26.38 3.60
C GLY B 184 11.06 -24.99 4.12
N ASN B 185 12.29 -24.55 3.85
CA ASN B 185 12.82 -23.31 4.40
C ASN B 185 12.58 -22.12 3.48
N HIS B 186 12.32 -20.96 4.06
CA HIS B 186 12.29 -19.72 3.29
C HIS B 186 13.72 -19.28 3.03
N SER B 187 14.33 -19.88 2.02
CA SER B 187 15.72 -19.65 1.68
C SER B 187 15.94 -20.21 0.29
N ASN B 188 17.18 -20.20 -0.19
CA ASN B 188 17.46 -20.74 -1.52
C ASN B 188 17.33 -22.26 -1.60
N THR B 189 17.13 -22.92 -0.46
CA THR B 189 16.88 -24.37 -0.46
C THR B 189 15.38 -24.68 -0.46
N GLN B 190 14.54 -23.64 -0.55
CA GLN B 190 13.10 -23.86 -0.68
C GLN B 190 12.83 -24.75 -1.90
N VAL B 191 11.70 -25.45 -1.87
CA VAL B 191 11.36 -26.39 -2.94
C VAL B 191 10.06 -25.94 -3.60
N PRO B 192 10.16 -25.09 -4.63
CA PRO B 192 8.97 -24.75 -5.40
C PRO B 192 8.54 -25.96 -6.23
N ASP B 193 7.39 -26.53 -5.88
CA ASP B 193 6.97 -27.83 -6.39
C ASP B 193 5.60 -27.73 -7.06
N VAL B 194 5.59 -27.85 -8.38
CA VAL B 194 4.35 -27.80 -9.14
C VAL B 194 3.99 -29.17 -9.72
N SER B 195 4.52 -30.23 -9.12
CA SER B 195 4.27 -31.58 -9.59
C SER B 195 2.88 -32.09 -9.20
N HIS B 196 2.20 -31.32 -8.35
CA HIS B 196 0.82 -31.62 -7.97
C HIS B 196 -0.13 -30.56 -8.51
N ALA B 197 0.42 -29.55 -9.19
CA ALA B 197 -0.39 -28.41 -9.59
C ALA B 197 -1.25 -28.71 -10.81
N THR B 198 -2.38 -28.02 -10.91
CA THR B 198 -3.27 -28.16 -12.06
C THR B 198 -3.63 -26.79 -12.62
N VAL B 199 -4.09 -26.80 -13.86
CA VAL B 199 -4.54 -25.59 -14.54
C VAL B 199 -5.90 -25.86 -15.17
N ASP B 200 -6.79 -24.87 -15.09
CA ASP B 200 -8.13 -25.01 -15.64
C ASP B 200 -8.13 -24.86 -17.15
N LYS B 201 -8.76 -25.82 -17.82
CA LYS B 201 -8.97 -25.75 -19.26
C LYS B 201 -10.45 -25.48 -19.51
N GLU B 202 -10.89 -25.63 -20.76
N GLU B 202 -10.87 -25.62 -20.76
CA GLU B 202 -12.27 -25.35 -21.11
CA GLU B 202 -12.26 -25.38 -21.15
C GLU B 202 -13.23 -26.24 -20.32
C GLU B 202 -13.21 -26.23 -20.32
N GLY B 203 -13.04 -27.55 -20.41
CA GLY B 203 -13.86 -28.48 -19.67
C GLY B 203 -13.44 -28.58 -18.22
N GLY B 204 -12.38 -29.35 -17.97
CA GLY B 204 -11.87 -29.57 -16.63
C GLY B 204 -10.43 -29.11 -16.48
N THR B 205 -9.71 -29.74 -15.56
CA THR B 205 -8.34 -29.34 -15.25
C THR B 205 -7.30 -30.15 -16.02
N LYS B 206 -6.07 -29.66 -15.99
CA LYS B 206 -4.94 -30.30 -16.63
C LYS B 206 -3.75 -30.22 -15.69
N LYS B 207 -3.04 -31.33 -15.53
CA LYS B 207 -1.84 -31.34 -14.70
C LYS B 207 -0.78 -30.44 -15.32
N VAL B 208 -0.15 -29.61 -14.50
CA VAL B 208 0.91 -28.74 -14.98
C VAL B 208 2.05 -29.58 -15.58
N SER B 209 2.32 -30.74 -14.99
CA SER B 209 3.39 -31.61 -15.47
C SER B 209 3.11 -32.18 -16.86
N ASP B 210 1.84 -32.12 -17.27
CA ASP B 210 1.46 -32.56 -18.61
C ASP B 210 1.53 -31.41 -19.62
N ALA B 211 1.66 -30.20 -19.13
CA ALA B 211 1.68 -29.00 -19.99
C ALA B 211 3.09 -28.48 -20.23
N LEU B 212 4.00 -28.83 -19.33
CA LEU B 212 5.36 -28.30 -19.36
C LEU B 212 6.36 -29.41 -19.11
N PRO B 213 7.59 -29.24 -19.60
CA PRO B 213 8.59 -30.32 -19.47
C PRO B 213 9.24 -30.37 -18.10
N LYS B 214 9.71 -31.56 -17.73
CA LYS B 214 10.36 -31.80 -16.45
C LYS B 214 11.55 -30.89 -16.23
N GLU B 215 12.36 -30.70 -17.27
CA GLU B 215 13.56 -29.88 -17.18
C GLU B 215 13.25 -28.48 -16.69
N TYR B 216 12.16 -27.90 -17.19
CA TYR B 216 11.76 -26.57 -16.76
C TYR B 216 11.25 -26.61 -15.34
N LEU B 217 10.34 -27.55 -15.07
CA LEU B 217 9.64 -27.58 -13.79
C LEU B 217 10.60 -27.84 -12.63
N GLU B 218 11.67 -28.58 -12.88
CA GLU B 218 12.61 -28.96 -11.83
C GLU B 218 13.92 -28.16 -11.89
N GLY B 219 14.06 -27.32 -12.91
CA GLY B 219 15.29 -26.58 -13.11
C GLY B 219 15.09 -25.09 -13.11
N GLU B 220 14.90 -24.54 -14.29
CA GLU B 220 14.73 -23.10 -14.49
C GLU B 220 13.67 -22.50 -13.57
N PHE B 221 12.53 -23.17 -13.43
CA PHE B 221 11.44 -22.66 -12.61
C PHE B 221 11.87 -22.57 -11.16
N VAL B 222 12.54 -23.60 -10.68
CA VAL B 222 12.97 -23.66 -9.29
C VAL B 222 13.95 -22.53 -8.96
N GLN B 223 14.96 -22.38 -9.81
CA GLN B 223 15.97 -21.33 -9.62
C GLN B 223 15.34 -19.95 -9.68
N LYS B 224 14.37 -19.79 -10.58
CA LYS B 224 13.68 -18.52 -10.75
C LYS B 224 12.99 -18.09 -9.45
N ILE B 225 12.25 -19.01 -8.84
CA ILE B 225 11.52 -18.69 -7.61
C ILE B 225 12.48 -18.53 -6.43
N ALA B 226 13.46 -19.42 -6.31
CA ALA B 226 14.40 -19.37 -5.20
C ALA B 226 15.22 -18.09 -5.19
N GLN B 227 15.46 -17.54 -6.38
CA GLN B 227 16.31 -16.36 -6.55
C GLN B 227 15.52 -15.07 -6.69
N ARG B 228 14.20 -15.16 -6.62
CA ARG B 228 13.35 -14.01 -6.93
C ARG B 228 13.54 -12.86 -5.97
N GLY B 229 13.71 -13.18 -4.69
CA GLY B 229 13.88 -12.16 -3.67
C GLY B 229 15.13 -11.35 -3.93
N GLY B 230 16.20 -12.04 -4.30
CA GLY B 230 17.45 -11.37 -4.63
C GLY B 230 17.32 -10.53 -5.88
N ALA B 231 16.50 -10.98 -6.83
CA ALA B 231 16.31 -10.27 -8.09
C ALA B 231 15.55 -8.96 -7.89
N VAL B 232 14.51 -9.01 -7.06
CA VAL B 232 13.73 -7.80 -6.77
C VAL B 232 14.62 -6.79 -6.08
N ILE B 233 15.37 -7.25 -5.09
CA ILE B 233 16.31 -6.40 -4.37
C ILE B 233 17.32 -5.76 -5.30
N GLU B 234 17.83 -6.53 -6.25
CA GLU B 234 18.81 -6.05 -7.21
C GLU B 234 18.20 -4.97 -8.10
N ALA B 235 16.95 -5.16 -8.48
CA ALA B 235 16.26 -4.23 -9.38
C ALA B 235 15.91 -2.92 -8.66
N ARG B 236 15.29 -3.04 -7.50
CA ARG B 236 14.74 -1.87 -6.80
C ARG B 236 15.77 -1.16 -5.92
N GLY B 237 16.78 -1.89 -5.49
CA GLY B 237 17.70 -1.35 -4.49
C GLY B 237 16.97 -1.20 -3.17
N ALA B 238 15.97 -2.06 -2.96
CA ALA B 238 15.16 -2.05 -1.75
C ALA B 238 14.43 -3.39 -1.62
N SER B 239 13.77 -3.59 -0.49
CA SER B 239 13.09 -4.87 -0.22
C SER B 239 11.82 -5.02 -1.06
N SER B 240 11.32 -6.25 -1.15
CA SER B 240 10.06 -6.54 -1.83
C SER B 240 8.88 -6.24 -0.89
N ALA B 241 8.66 -4.96 -0.63
CA ALA B 241 7.76 -4.56 0.44
C ALA B 241 6.28 -4.86 0.16
N ALA B 242 5.74 -4.30 -0.91
CA ALA B 242 4.30 -4.46 -1.18
C ALA B 242 3.93 -5.92 -1.42
N SER B 243 4.76 -6.66 -2.13
CA SER B 243 4.43 -8.04 -2.42
C SER B 243 4.56 -8.92 -1.16
N ALA B 244 5.51 -8.59 -0.30
CA ALA B 244 5.66 -9.30 0.97
C ALA B 244 4.50 -9.00 1.92
N ALA B 245 4.11 -7.72 2.02
CA ALA B 245 2.97 -7.33 2.82
C ALA B 245 1.72 -8.04 2.32
N ASN B 246 1.55 -8.10 1.00
CA ASN B 246 0.43 -8.81 0.41
C ASN B 246 0.42 -10.28 0.81
N ALA B 247 1.58 -10.92 0.74
CA ALA B 247 1.70 -12.35 1.08
C ALA B 247 1.38 -12.57 2.54
N ALA B 248 1.81 -11.65 3.40
CA ALA B 248 1.57 -11.79 4.82
C ALA B 248 0.07 -11.72 5.11
N LEU B 249 -0.62 -10.81 4.42
CA LEU B 249 -2.06 -10.68 4.57
C LEU B 249 -2.76 -11.94 4.09
N CYS B 250 -2.34 -12.45 2.92
CA CYS B 250 -2.91 -13.67 2.38
C CYS B 250 -2.77 -14.82 3.38
N HIS B 251 -1.55 -14.96 3.90
CA HIS B 251 -1.26 -16.02 4.87
C HIS B 251 -2.18 -15.89 6.08
N MET B 252 -2.23 -14.70 6.66
CA MET B 252 -2.99 -14.50 7.88
C MET B 252 -4.49 -14.67 7.65
N ARG B 253 -4.98 -14.17 6.52
N ARG B 253 -4.99 -14.15 6.53
CA ARG B 253 -6.39 -14.28 6.18
CA ARG B 253 -6.41 -14.29 6.19
C ARG B 253 -6.82 -15.74 6.08
C ARG B 253 -6.80 -15.77 6.13
N ASP B 254 -6.02 -16.55 5.39
CA ASP B 254 -6.32 -17.97 5.24
C ASP B 254 -6.19 -18.69 6.59
N TRP B 255 -5.20 -18.30 7.39
CA TRP B 255 -4.98 -18.88 8.71
C TRP B 255 -6.14 -18.59 9.67
N LEU B 256 -6.73 -17.40 9.56
CA LEU B 256 -7.77 -16.96 10.48
C LEU B 256 -9.14 -17.47 10.10
N PHE B 257 -9.42 -17.50 8.80
CA PHE B 257 -10.78 -17.72 8.30
C PHE B 257 -10.94 -19.03 7.54
N GLY B 258 -9.83 -19.69 7.27
CA GLY B 258 -9.85 -20.98 6.59
C GLY B 258 -9.70 -20.84 5.09
N THR B 259 -9.31 -21.94 4.46
CA THR B 259 -9.14 -21.99 3.02
C THR B 259 -10.35 -22.65 2.36
N LYS B 260 -10.62 -22.29 1.11
CA LYS B 260 -11.73 -22.87 0.37
C LYS B 260 -11.40 -24.33 0.05
N PRO B 261 -12.44 -25.14 -0.20
CA PRO B 261 -12.18 -26.55 -0.53
C PRO B 261 -11.27 -26.70 -1.74
N GLY B 262 -10.28 -27.58 -1.65
CA GLY B 262 -9.36 -27.82 -2.74
C GLY B 262 -8.15 -26.90 -2.77
N ASP B 263 -8.26 -25.75 -2.11
CA ASP B 263 -7.16 -24.78 -2.10
C ASP B 263 -6.06 -25.18 -1.13
N TRP B 264 -4.82 -25.18 -1.63
CA TRP B 264 -3.64 -25.39 -0.80
C TRP B 264 -2.92 -24.07 -0.60
N VAL B 265 -2.36 -23.89 0.59
CA VAL B 265 -1.51 -22.75 0.87
C VAL B 265 -0.28 -23.25 1.58
N SER B 266 0.88 -22.73 1.18
CA SER B 266 2.14 -23.09 1.80
C SER B 266 2.29 -22.29 3.08
N MET B 267 2.59 -22.99 4.16
CA MET B 267 2.80 -22.38 5.46
C MET B 267 3.95 -23.08 6.15
N GLY B 268 4.89 -22.32 6.66
CA GLY B 268 5.91 -22.85 7.54
C GLY B 268 5.34 -23.07 8.92
N ILE B 269 5.25 -24.33 9.33
CA ILE B 269 4.64 -24.68 10.60
C ILE B 269 5.50 -25.64 11.39
N PRO B 270 5.29 -25.70 12.71
CA PRO B 270 5.98 -26.71 13.54
C PRO B 270 5.71 -28.11 12.99
N VAL B 271 6.75 -28.90 12.82
CA VAL B 271 6.62 -30.24 12.25
C VAL B 271 5.98 -31.18 13.27
N PRO B 272 4.82 -31.76 12.95
CA PRO B 272 4.22 -32.76 13.84
C PRO B 272 4.78 -34.14 13.50
N GLU B 273 4.88 -35.02 14.50
CA GLU B 273 5.46 -36.33 14.29
C GLU B 273 4.65 -37.16 13.30
N GLY B 274 3.35 -36.88 13.21
CA GLY B 274 2.46 -37.63 12.35
C GLY B 274 2.41 -37.17 10.90
N ASN B 275 3.25 -36.22 10.52
CA ASN B 275 3.24 -35.74 9.14
C ASN B 275 3.64 -36.89 8.21
N PRO B 276 3.00 -36.98 7.04
CA PRO B 276 3.21 -38.18 6.22
C PRO B 276 4.37 -38.06 5.24
N TYR B 277 5.25 -37.09 5.42
CA TYR B 277 6.34 -36.85 4.46
C TYR B 277 7.71 -37.03 5.10
N GLY B 278 7.74 -37.69 6.25
CA GLY B 278 8.97 -38.14 6.87
C GLY B 278 9.85 -37.04 7.43
N ILE B 279 9.31 -35.82 7.54
CA ILE B 279 10.08 -34.73 8.12
C ILE B 279 10.15 -34.95 9.62
N LYS B 280 11.34 -34.79 10.19
CA LYS B 280 11.51 -34.98 11.62
C LYS B 280 10.99 -33.78 12.40
N PRO B 281 10.36 -34.03 13.56
CA PRO B 281 9.95 -32.91 14.43
C PRO B 281 11.16 -32.10 14.87
N GLY B 282 10.96 -30.83 15.21
CA GLY B 282 12.03 -30.02 15.78
C GLY B 282 12.40 -28.80 14.96
N VAL B 283 11.74 -28.59 13.83
CA VAL B 283 11.94 -27.38 13.03
C VAL B 283 10.60 -26.81 12.56
N ILE B 284 10.65 -25.60 12.02
CA ILE B 284 9.51 -25.01 11.31
C ILE B 284 9.74 -25.28 9.83
N TYR B 285 8.79 -25.94 9.19
CA TYR B 285 8.96 -26.47 7.84
C TYR B 285 7.72 -26.15 7.03
N SER B 286 7.91 -25.65 5.81
CA SER B 286 6.77 -25.33 4.97
C SER B 286 6.17 -26.58 4.32
N PHE B 287 4.85 -26.70 4.48
CA PHE B 287 4.08 -27.82 3.94
C PHE B 287 2.93 -27.26 3.15
N PRO B 288 2.39 -28.05 2.22
CA PRO B 288 1.09 -27.71 1.66
C PRO B 288 0.03 -27.90 2.73
N CYS B 289 -0.76 -26.86 3.00
CA CYS B 289 -1.74 -26.91 4.06
C CYS B 289 -3.12 -26.48 3.60
N THR B 290 -4.13 -26.97 4.31
CA THR B 290 -5.45 -26.38 4.30
C THR B 290 -5.70 -25.83 5.69
N VAL B 291 -6.69 -24.96 5.83
CA VAL B 291 -7.09 -24.43 7.11
C VAL B 291 -8.61 -24.53 7.20
N ASP B 292 -9.13 -25.13 8.27
CA ASP B 292 -10.58 -25.24 8.42
C ASP B 292 -11.16 -23.96 8.98
N LYS B 293 -12.49 -23.90 9.07
CA LYS B 293 -13.16 -22.66 9.46
C LYS B 293 -12.90 -22.29 10.91
N ASP B 294 -12.31 -23.20 11.68
CA ASP B 294 -11.92 -22.93 13.05
C ASP B 294 -10.50 -22.35 13.11
N GLY B 295 -9.85 -22.25 11.96
CA GLY B 295 -8.50 -21.72 11.90
C GLY B 295 -7.43 -22.76 12.22
N LYS B 296 -7.81 -24.04 12.19
CA LYS B 296 -6.86 -25.11 12.44
C LYS B 296 -6.17 -25.55 11.15
N VAL B 297 -4.85 -25.64 11.21
CA VAL B 297 -4.04 -25.99 10.05
C VAL B 297 -3.94 -27.50 9.91
N HIS B 298 -4.03 -27.98 8.66
CA HIS B 298 -3.91 -29.40 8.37
C HIS B 298 -2.98 -29.61 7.19
N ILE B 299 -1.96 -30.43 7.39
CA ILE B 299 -1.05 -30.76 6.30
C ILE B 299 -1.80 -31.62 5.29
N VAL B 300 -1.67 -31.27 4.01
CA VAL B 300 -2.27 -32.05 2.94
C VAL B 300 -1.61 -33.42 2.88
N GLU B 301 -2.43 -34.47 2.89
CA GLU B 301 -1.91 -35.84 2.90
C GLU B 301 -2.09 -36.51 1.54
N GLY B 302 -1.38 -37.62 1.34
CA GLY B 302 -1.58 -38.46 0.18
C GLY B 302 -0.88 -38.01 -1.09
N LEU B 303 0.08 -37.09 -0.96
CA LEU B 303 0.83 -36.64 -2.13
C LEU B 303 1.96 -37.59 -2.47
N GLU B 304 2.06 -37.94 -3.75
CA GLU B 304 3.19 -38.75 -4.22
C GLU B 304 4.39 -37.85 -4.47
N ILE B 305 5.45 -38.12 -3.73
CA ILE B 305 6.68 -37.34 -3.79
C ILE B 305 7.67 -38.06 -4.68
N ASN B 306 8.01 -37.47 -5.82
CA ASN B 306 8.99 -38.10 -6.70
C ASN B 306 10.40 -37.94 -6.13
N ASP B 307 11.36 -38.65 -6.73
CA ASP B 307 12.71 -38.69 -6.21
C ASP B 307 13.37 -37.30 -6.18
N TRP B 308 13.07 -36.47 -7.19
CA TRP B 308 13.64 -35.14 -7.23
C TRP B 308 13.13 -34.28 -6.08
N VAL B 309 11.81 -34.29 -5.88
CA VAL B 309 11.20 -33.51 -4.80
C VAL B 309 11.70 -34.03 -3.44
N ARG B 310 11.77 -35.35 -3.31
CA ARG B 310 12.23 -35.99 -2.09
C ARG B 310 13.63 -35.50 -1.70
N GLU B 311 14.52 -35.46 -2.67
CA GLU B 311 15.89 -35.05 -2.41
C GLU B 311 15.94 -33.58 -2.00
N LYS B 312 15.15 -32.75 -2.67
CA LYS B 312 15.10 -31.33 -2.35
C LYS B 312 14.54 -31.12 -0.95
N MET B 313 13.51 -31.88 -0.62
CA MET B 313 12.88 -31.80 0.70
C MET B 313 13.88 -32.19 1.80
N GLU B 314 14.73 -33.16 1.51
CA GLU B 314 15.72 -33.60 2.47
C GLU B 314 16.80 -32.55 2.67
N ALA B 315 17.21 -31.92 1.58
CA ALA B 315 18.26 -30.89 1.63
C ALA B 315 17.82 -29.70 2.46
N THR B 316 16.56 -29.28 2.28
CA THR B 316 16.06 -28.11 2.99
C THR B 316 15.83 -28.43 4.47
N GLU B 317 15.46 -29.68 4.77
CA GLU B 317 15.33 -30.09 6.16
C GLU B 317 16.71 -30.04 6.83
N LYS B 318 17.72 -30.53 6.14
CA LYS B 318 19.08 -30.52 6.67
C LYS B 318 19.54 -29.08 6.96
N GLU B 319 19.19 -28.14 6.09
CA GLU B 319 19.55 -26.75 6.32
C GLU B 319 18.83 -26.21 7.56
N LEU B 320 17.54 -26.51 7.67
CA LEU B 320 16.75 -26.06 8.82
C LEU B 320 17.32 -26.58 10.13
N ILE B 321 17.79 -27.82 10.13
CA ILE B 321 18.40 -28.40 11.31
C ILE B 321 19.72 -27.68 11.62
N GLU B 322 20.48 -27.35 10.58
CA GLU B 322 21.74 -26.64 10.77
C GLU B 322 21.52 -25.26 11.40
N GLU B 323 20.54 -24.53 10.89
CA GLU B 323 20.23 -23.19 11.42
C GLU B 323 19.80 -23.26 12.87
N ARG B 324 19.02 -24.27 13.22
CA ARG B 324 18.56 -24.46 14.58
C ARG B 324 19.75 -24.61 15.51
N GLU B 325 20.67 -25.51 15.16
CA GLU B 325 21.82 -25.78 16.01
C GLU B 325 22.68 -24.53 16.14
N THR B 326 22.83 -23.79 15.03
CA THR B 326 23.58 -22.55 15.04
C THR B 326 22.89 -21.53 15.93
N ALA B 327 21.56 -21.49 15.87
CA ALA B 327 20.77 -20.56 16.66
C ALA B 327 20.83 -20.89 18.15
N PHE B 328 20.71 -22.17 18.48
CA PHE B 328 20.74 -22.59 19.87
C PHE B 328 22.09 -22.29 20.52
N LYS B 329 23.18 -22.43 19.77
CA LYS B 329 24.50 -22.16 20.30
C LYS B 329 24.70 -20.68 20.63
N VAL B 330 24.25 -19.79 19.76
CA VAL B 330 24.41 -18.36 20.00
C VAL B 330 23.51 -17.90 21.15
N LEU B 331 22.37 -18.55 21.32
CA LEU B 331 21.47 -18.23 22.42
C LEU B 331 22.01 -18.76 23.75
N ALA B 332 22.78 -19.85 23.69
CA ALA B 332 23.34 -20.47 24.88
C ALA B 332 24.27 -19.51 25.64
N GLN B 333 24.69 -18.45 24.96
CA GLN B 333 25.57 -17.44 25.56
C GLN B 333 24.81 -16.14 25.79
#